data_4K7J
#
_entry.id   4K7J
#
_cell.length_a   70.137
_cell.length_b   79.982
_cell.length_c   122.548
_cell.angle_alpha   90.00
_cell.angle_beta   90.00
_cell.angle_gamma   90.00
#
_symmetry.space_group_name_H-M   'P 21 21 21'
#
loop_
_entity.id
_entity.type
_entity.pdbx_description
1 polymer 'GDSL-like Lipase/Acylhydrolase family protein'
2 non-polymer 'ACETATE ION'
3 non-polymer '4-(2-HYDROXYETHYL)-1-PIPERAZINE ETHANESULFONIC ACID'
4 water water
#
_entity_poly.entity_id   1
_entity_poly.type   'polypeptide(L)'
_entity_poly.pdbx_seq_one_letter_code
;GSLPVASVSLDTVTVSPSAPYTDTNGLLTDYGNASASPWMKKLQSVAQGSGETFRILQIGDSHTAGDFFTDSLRKRLQKT
WGDGGIGWVYPANVKGQRMAAVRHNGNWQSLTSRNNTGDFPLGGILAHTGSGGSMTLTASDGIASKQRVSLFAKPLLAEQ
TLTVNGNTVSANGGGWQVLDTGAALPLTIHTEMPWDIGFINIENPAGGITVSAMGINGAQLTQWSKWRADRMNDLAQTGA
DLVILSYGTNEAFNNNIDIADTEQKWLDTVRQIRDSLPAAGILIIGAPESLKNTLGVCGTRPVRLTEVQQMQRRVARQGQ
TMFWSWQNAMGGICSMKNWLNQGWAAKDGVHFSAKGYRRAAEMLADSLEELVRSAAIRQ
;
_entity_poly.pdbx_strand_id   A,B
#
loop_
_chem_comp.id
_chem_comp.type
_chem_comp.name
_chem_comp.formula
ACT non-polymer 'ACETATE ION' 'C2 H3 O2 -1'
EPE non-polymer '4-(2-HYDROXYETHYL)-1-PIPERAZINE ETHANESULFONIC ACID' 'C8 H18 N2 O4 S'
#
# COMPACT_ATOMS: atom_id res chain seq x y z
N GLY A 26 -6.08 -33.00 -14.79
CA GLY A 26 -5.75 -31.87 -15.64
C GLY A 26 -4.88 -30.87 -14.91
N LEU A 27 -5.44 -29.71 -14.59
CA LEU A 27 -4.73 -28.68 -13.85
C LEU A 27 -4.45 -29.16 -12.44
N LEU A 28 -5.39 -29.93 -11.91
CA LEU A 28 -5.28 -30.45 -10.55
C LEU A 28 -4.75 -31.89 -10.57
N THR A 29 -3.62 -32.12 -9.89
CA THR A 29 -3.08 -33.46 -9.77
C THR A 29 -3.15 -33.89 -8.32
N ASP A 30 -3.79 -35.03 -8.06
CA ASP A 30 -3.84 -35.54 -6.69
C ASP A 30 -2.80 -36.62 -6.44
N TYR A 31 -1.80 -36.30 -5.62
CA TYR A 31 -0.74 -37.26 -5.27
C TYR A 31 -1.06 -38.02 -4.00
N GLY A 32 -2.26 -37.79 -3.47
CA GLY A 32 -2.77 -38.55 -2.35
C GLY A 32 -3.99 -39.33 -2.79
N ASN A 33 -4.95 -39.45 -1.90
CA ASN A 33 -6.14 -40.24 -2.17
C ASN A 33 -7.35 -39.47 -1.66
N ALA A 34 -7.71 -38.42 -2.39
CA ALA A 34 -8.71 -37.47 -1.93
C ALA A 34 -10.07 -38.12 -1.67
N SER A 35 -10.46 -39.06 -2.53
CA SER A 35 -11.77 -39.68 -2.39
C SER A 35 -11.87 -40.49 -1.09
N ALA A 36 -10.74 -41.02 -0.62
CA ALA A 36 -10.73 -41.83 0.59
C ALA A 36 -10.44 -41.03 1.87
N SER A 37 -10.35 -39.71 1.73
CA SER A 37 -9.85 -38.85 2.81
C SER A 37 -10.94 -38.37 3.77
N PRO A 38 -10.56 -38.09 5.02
CA PRO A 38 -11.47 -37.47 5.99
C PRO A 38 -12.06 -36.14 5.50
N TRP A 39 -11.27 -35.31 4.84
CA TRP A 39 -11.78 -33.99 4.45
C TRP A 39 -12.82 -34.06 3.33
N MET A 40 -12.64 -34.99 2.40
CA MET A 40 -13.63 -35.17 1.34
C MET A 40 -14.95 -35.65 1.92
N LYS A 41 -14.87 -36.59 2.87
CA LYS A 41 -16.06 -37.12 3.53
C LYS A 41 -16.80 -35.97 4.23
N LYS A 42 -16.08 -35.05 4.83
CA LYS A 42 -16.72 -33.90 5.45
C LYS A 42 -17.33 -32.95 4.42
N LEU A 43 -16.63 -32.73 3.30
CA LEU A 43 -17.16 -31.86 2.25
C LEU A 43 -18.46 -32.40 1.67
N GLN A 44 -18.47 -33.69 1.34
CA GLN A 44 -19.66 -34.34 0.80
C GLN A 44 -20.87 -34.20 1.74
N SER A 45 -20.68 -34.44 3.03
CA SER A 45 -21.81 -34.33 3.95
C SER A 45 -22.28 -32.88 4.08
N VAL A 46 -21.35 -31.92 4.05
CA VAL A 46 -21.75 -30.51 3.97
C VAL A 46 -22.57 -30.30 2.71
N ALA A 47 -22.08 -30.85 1.59
CA ALA A 47 -22.77 -30.77 0.31
C ALA A 47 -24.21 -31.25 0.40
N GLN A 48 -24.44 -32.24 1.25
CA GLN A 48 -25.77 -32.81 1.44
C GLN A 48 -26.53 -32.20 2.60
N GLY A 49 -26.03 -31.08 3.12
CA GLY A 49 -26.73 -30.33 4.16
C GLY A 49 -26.53 -30.81 5.58
N SER A 50 -25.29 -31.16 5.95
CA SER A 50 -25.01 -31.63 7.30
C SER A 50 -25.02 -30.50 8.35
N GLY A 51 -24.81 -29.26 7.91
CA GLY A 51 -24.76 -28.14 8.83
C GLY A 51 -23.37 -27.89 9.39
N GLU A 52 -22.42 -28.77 9.06
CA GLU A 52 -21.05 -28.53 9.49
C GLU A 52 -20.42 -27.38 8.71
N THR A 53 -19.27 -26.88 9.18
CA THR A 53 -18.55 -25.84 8.45
C THR A 53 -17.28 -26.43 7.85
N PHE A 54 -17.15 -26.34 6.53
CA PHE A 54 -15.94 -26.81 5.87
C PHE A 54 -15.04 -25.60 5.65
N ARG A 55 -13.87 -25.64 6.27
CA ARG A 55 -13.00 -24.46 6.34
C ARG A 55 -11.79 -24.58 5.42
N ILE A 56 -11.76 -23.73 4.40
CA ILE A 56 -10.65 -23.66 3.45
C ILE A 56 -9.77 -22.48 3.86
N LEU A 57 -8.48 -22.73 4.03
CA LEU A 57 -7.54 -21.68 4.46
C LEU A 57 -6.39 -21.50 3.47
N GLN A 58 -6.34 -20.34 2.81
CA GLN A 58 -5.27 -20.09 1.86
C GLN A 58 -4.19 -19.17 2.43
N ILE A 59 -2.98 -19.69 2.50
CA ILE A 59 -1.85 -18.97 3.06
C ILE A 59 -0.86 -18.76 1.95
N GLY A 60 -0.48 -17.50 1.71
CA GLY A 60 0.39 -17.21 0.57
C GLY A 60 0.98 -15.82 0.51
N ASP A 61 1.20 -15.33 -0.72
CA ASP A 61 1.89 -14.06 -0.94
C ASP A 61 0.91 -12.98 -1.41
N SER A 62 1.35 -12.05 -2.25
CA SER A 62 0.50 -10.93 -2.60
C SER A 62 -0.69 -11.35 -3.45
N HIS A 63 -0.55 -12.46 -4.17
CA HIS A 63 -1.68 -12.96 -4.97
C HIS A 63 -2.84 -13.26 -4.02
N THR A 64 -2.49 -13.81 -2.86
CA THR A 64 -3.48 -14.14 -1.82
C THR A 64 -3.90 -12.88 -1.06
N ALA A 65 -2.92 -12.04 -0.74
CA ALA A 65 -3.14 -10.87 0.10
C ALA A 65 -4.09 -9.82 -0.50
N GLY A 66 -4.26 -9.84 -1.82
CA GLY A 66 -5.15 -8.90 -2.49
C GLY A 66 -6.60 -9.33 -2.40
N ASP A 67 -6.81 -10.59 -2.03
CA ASP A 67 -8.14 -11.20 -1.90
C ASP A 67 -8.93 -11.31 -3.21
N PHE A 68 -8.36 -10.90 -4.35
CA PHE A 68 -9.11 -11.06 -5.61
C PHE A 68 -9.23 -12.53 -6.04
N PHE A 69 -8.21 -13.33 -5.75
CA PHE A 69 -8.21 -14.75 -6.09
C PHE A 69 -9.08 -15.48 -5.08
N THR A 70 -8.77 -15.31 -3.80
CA THR A 70 -9.51 -16.04 -2.76
C THR A 70 -11.00 -15.64 -2.66
N ASP A 71 -11.34 -14.41 -3.00
CA ASP A 71 -12.74 -14.01 -2.92
C ASP A 71 -13.55 -14.61 -4.05
N SER A 72 -12.90 -14.84 -5.19
CA SER A 72 -13.59 -15.47 -6.32
C SER A 72 -13.85 -16.93 -5.98
N LEU A 73 -12.84 -17.58 -5.42
CA LEU A 73 -12.96 -18.94 -4.91
C LEU A 73 -14.07 -19.00 -3.84
N ARG A 74 -14.05 -18.02 -2.94
CA ARG A 74 -15.06 -17.93 -1.90
C ARG A 74 -16.46 -17.85 -2.48
N LYS A 75 -16.70 -16.94 -3.40
CA LYS A 75 -18.06 -16.74 -3.92
C LYS A 75 -18.55 -17.96 -4.69
N ARG A 76 -17.67 -18.56 -5.46
N ARG A 76 -17.65 -18.57 -5.44
CA ARG A 76 -18.04 -19.70 -6.27
CA ARG A 76 -17.97 -19.70 -6.31
C ARG A 76 -18.39 -20.92 -5.41
C ARG A 76 -18.30 -20.96 -5.51
N LEU A 77 -17.48 -21.30 -4.51
CA LEU A 77 -17.70 -22.49 -3.70
C LEU A 77 -18.80 -22.32 -2.64
N GLN A 78 -19.08 -21.08 -2.24
CA GLN A 78 -20.17 -20.80 -1.31
C GLN A 78 -21.55 -20.98 -1.98
N LYS A 79 -21.64 -20.62 -3.25
CA LYS A 79 -22.85 -20.88 -4.02
C LYS A 79 -23.07 -22.38 -4.21
N THR A 80 -22.00 -23.09 -4.48
CA THR A 80 -22.05 -24.51 -4.71
C THR A 80 -22.38 -25.32 -3.45
N TRP A 81 -21.78 -24.95 -2.33
CA TRP A 81 -21.83 -25.79 -1.14
C TRP A 81 -22.37 -25.11 0.12
N GLY A 82 -22.70 -23.83 0.02
CA GLY A 82 -23.27 -23.10 1.13
C GLY A 82 -22.38 -22.00 1.68
N ASP A 83 -22.99 -20.87 2.02
CA ASP A 83 -22.29 -19.73 2.60
C ASP A 83 -22.06 -19.95 4.08
N GLY A 84 -20.90 -20.49 4.44
CA GLY A 84 -20.56 -20.71 5.83
C GLY A 84 -20.08 -19.46 6.57
N GLY A 85 -20.07 -18.31 5.90
CA GLY A 85 -19.63 -17.07 6.51
C GLY A 85 -18.30 -16.55 5.99
N ILE A 86 -17.87 -15.42 6.54
CA ILE A 86 -16.67 -14.76 6.02
C ILE A 86 -15.35 -15.42 6.43
N GLY A 87 -15.36 -16.14 7.55
CA GLY A 87 -14.18 -16.85 8.00
C GLY A 87 -13.19 -16.00 8.77
N TRP A 88 -11.92 -16.38 8.69
CA TRP A 88 -10.84 -15.67 9.38
C TRP A 88 -10.43 -14.44 8.59
N VAL A 89 -10.58 -13.25 9.18
CA VAL A 89 -10.22 -12.00 8.52
C VAL A 89 -9.26 -11.11 9.35
N TYR A 90 -8.71 -10.08 8.72
CA TYR A 90 -7.77 -9.19 9.41
C TYR A 90 -8.45 -8.54 10.61
N PRO A 91 -7.68 -8.24 11.65
CA PRO A 91 -8.26 -7.49 12.77
C PRO A 91 -8.35 -5.99 12.49
N ALA A 92 -7.75 -5.52 11.39
CA ALA A 92 -7.71 -4.10 11.05
C ALA A 92 -7.25 -3.95 9.61
N ASN A 93 -7.41 -2.75 9.04
CA ASN A 93 -6.84 -2.47 7.71
C ASN A 93 -5.36 -2.79 7.75
N VAL A 94 -4.89 -3.43 6.69
CA VAL A 94 -3.47 -3.72 6.51
C VAL A 94 -3.03 -3.05 5.21
N LYS A 95 -2.05 -2.15 5.33
CA LYS A 95 -1.55 -1.37 4.21
C LYS A 95 -1.11 -2.26 3.06
N GLY A 96 -1.65 -1.99 1.87
CA GLY A 96 -1.23 -2.72 0.68
C GLY A 96 -1.92 -4.05 0.50
N GLN A 97 -2.83 -4.39 1.42
CA GLN A 97 -3.50 -5.68 1.37
C GLN A 97 -5.00 -5.47 1.53
N ARG A 98 -5.80 -6.51 1.33
CA ARG A 98 -7.23 -6.29 1.18
C ARG A 98 -8.09 -7.47 1.68
N MET A 99 -9.16 -7.14 2.40
CA MET A 99 -10.20 -8.13 2.68
C MET A 99 -11.43 -7.73 1.86
N ALA A 100 -11.92 -8.63 1.03
CA ALA A 100 -13.10 -8.31 0.21
C ALA A 100 -14.40 -8.42 1.01
N ALA A 101 -14.42 -9.32 1.98
CA ALA A 101 -15.65 -9.71 2.68
C ALA A 101 -16.04 -8.83 3.88
N VAL A 102 -15.11 -8.03 4.38
CA VAL A 102 -15.42 -7.11 5.48
C VAL A 102 -14.76 -5.75 5.33
N ARG A 103 -15.33 -4.77 6.00
CA ARG A 103 -14.77 -3.43 6.05
C ARG A 103 -14.44 -3.07 7.50
N HIS A 104 -13.34 -2.35 7.70
CA HIS A 104 -12.86 -2.03 9.04
C HIS A 104 -13.00 -0.54 9.34
N ASN A 105 -13.44 -0.25 10.56
CA ASN A 105 -13.51 1.12 11.04
C ASN A 105 -13.14 1.17 12.51
N GLY A 106 -11.92 1.61 12.81
CA GLY A 106 -11.46 1.64 14.19
C GLY A 106 -10.10 2.27 14.32
N ASN A 107 -9.54 2.23 15.52
CA ASN A 107 -8.27 2.89 15.78
C ASN A 107 -7.11 1.92 16.05
N TRP A 108 -7.35 0.63 15.86
CA TRP A 108 -6.29 -0.37 15.98
C TRP A 108 -5.19 -0.14 14.93
N GLN A 109 -3.95 -0.49 15.27
CA GLN A 109 -2.84 -0.35 14.31
C GLN A 109 -2.23 -1.69 13.93
N SER A 110 -2.31 -2.05 12.64
CA SER A 110 -1.76 -3.33 12.19
C SER A 110 -0.24 -3.32 12.04
N LEU A 111 0.34 -4.51 12.07
CA LEU A 111 1.76 -4.73 11.89
C LEU A 111 1.89 -6.09 11.22
N THR A 112 2.73 -6.21 10.18
CA THR A 112 2.89 -7.50 9.53
C THR A 112 4.36 -7.95 9.44
N SER A 113 4.57 -9.21 9.09
CA SER A 113 5.92 -9.78 9.07
C SER A 113 6.65 -9.46 7.76
N ARG A 114 5.97 -8.78 6.85
CA ARG A 114 6.60 -8.40 5.59
C ARG A 114 7.94 -7.67 5.80
N ASN A 115 7.94 -6.63 6.62
CA ASN A 115 9.17 -5.89 6.92
C ASN A 115 9.55 -5.95 8.37
N ASN A 116 8.68 -6.50 9.22
CA ASN A 116 8.93 -6.41 10.67
C ASN A 116 9.12 -7.72 11.42
N THR A 117 9.71 -7.61 12.60
CA THR A 117 9.80 -8.74 13.51
C THR A 117 8.78 -8.52 14.60
N GLY A 118 8.45 -9.60 15.29
CA GLY A 118 7.50 -9.52 16.38
C GLY A 118 7.06 -10.91 16.76
N ASP A 119 6.17 -10.96 17.73
CA ASP A 119 5.59 -12.20 18.20
C ASP A 119 4.30 -12.47 17.40
N PHE A 120 4.45 -12.85 16.14
CA PHE A 120 3.28 -12.99 15.26
C PHE A 120 2.60 -14.34 15.43
N PRO A 121 1.25 -14.35 15.48
CA PRO A 121 0.54 -15.64 15.40
C PRO A 121 0.50 -16.07 13.95
N LEU A 122 0.03 -17.28 13.67
CA LEU A 122 -0.06 -17.79 12.30
C LEU A 122 -0.66 -16.74 11.37
N GLY A 123 0.00 -16.49 10.22
CA GLY A 123 -0.51 -15.55 9.23
C GLY A 123 0.34 -14.28 9.11
N GLY A 124 1.11 -14.01 10.17
CA GLY A 124 2.05 -12.91 10.18
C GLY A 124 1.44 -11.52 10.33
N ILE A 125 0.22 -11.44 10.83
CA ILE A 125 -0.44 -10.16 11.03
C ILE A 125 -0.94 -10.03 12.46
N LEU A 126 -0.67 -8.88 13.09
CA LEU A 126 -1.32 -8.56 14.34
C LEU A 126 -1.73 -7.09 14.34
N ALA A 127 -2.61 -6.72 15.26
CA ALA A 127 -2.94 -5.30 15.41
C ALA A 127 -2.81 -4.87 16.88
N HIS A 128 -2.17 -3.74 17.13
CA HIS A 128 -2.10 -3.19 18.49
C HIS A 128 -3.38 -2.39 18.72
N THR A 129 -4.14 -2.74 19.75
CA THR A 129 -5.44 -2.09 19.97
C THR A 129 -5.28 -0.76 20.72
N GLY A 130 -4.30 -0.71 21.63
CA GLY A 130 -4.11 0.45 22.47
C GLY A 130 -5.15 0.43 23.58
N SER A 131 -5.01 1.32 24.55
CA SER A 131 -6.07 1.49 25.55
C SER A 131 -7.16 2.33 24.91
N GLY A 132 -8.40 2.20 25.40
CA GLY A 132 -9.50 2.91 24.79
C GLY A 132 -9.63 2.54 23.31
N GLY A 133 -9.25 1.30 22.99
CA GLY A 133 -9.26 0.81 21.62
C GLY A 133 -10.63 0.40 21.09
N SER A 134 -10.85 0.58 19.79
CA SER A 134 -12.14 0.28 19.20
C SER A 134 -12.00 -0.21 17.75
N MET A 135 -12.76 -1.24 17.39
CA MET A 135 -12.78 -1.74 16.02
C MET A 135 -14.16 -2.27 15.68
N THR A 136 -14.71 -1.82 14.56
CA THR A 136 -15.98 -2.33 14.08
C THR A 136 -15.78 -3.02 12.73
N LEU A 137 -16.26 -4.25 12.63
CA LEU A 137 -16.17 -4.97 11.36
C LEU A 137 -17.56 -5.09 10.78
N THR A 138 -17.69 -4.63 9.53
CA THR A 138 -18.97 -4.63 8.83
C THR A 138 -18.84 -5.50 7.59
N ALA A 139 -19.75 -6.46 7.46
CA ALA A 139 -19.74 -7.37 6.31
C ALA A 139 -20.12 -6.63 5.05
N SER A 140 -19.35 -6.84 3.99
N SER A 140 -19.33 -6.83 3.99
CA SER A 140 -19.63 -6.23 2.69
CA SER A 140 -19.62 -6.21 2.69
C SER A 140 -20.98 -6.70 2.16
C SER A 140 -20.94 -6.73 2.10
N ASP A 141 -21.32 -7.95 2.45
CA ASP A 141 -22.65 -8.49 2.09
C ASP A 141 -23.48 -8.72 3.36
N GLY A 142 -23.34 -9.90 3.97
CA GLY A 142 -23.78 -10.13 5.33
C GLY A 142 -25.19 -10.65 5.58
N ILE A 143 -25.32 -11.43 6.66
CA ILE A 143 -26.62 -12.00 7.08
C ILE A 143 -26.99 -11.67 8.54
N ALA A 144 -26.43 -10.58 9.07
CA ALA A 144 -26.65 -10.09 10.44
C ALA A 144 -27.45 -10.94 11.47
N SER A 145 -27.27 -12.25 11.42
CA SER A 145 -27.70 -13.12 12.50
C SER A 145 -26.45 -13.42 13.32
N LYS A 146 -26.62 -13.80 14.57
N LYS A 146 -26.64 -13.82 14.57
CA LYS A 146 -25.48 -13.98 15.46
CA LYS A 146 -25.52 -14.05 15.48
C LYS A 146 -24.51 -15.06 14.98
C LYS A 146 -24.53 -15.07 14.90
N GLN A 147 -23.28 -14.62 14.68
CA GLN A 147 -22.24 -15.50 14.19
C GLN A 147 -21.44 -16.11 15.33
N ARG A 148 -20.76 -17.20 15.04
CA ARG A 148 -19.73 -17.72 15.93
C ARG A 148 -18.51 -16.84 15.68
N VAL A 149 -17.91 -16.38 16.76
CA VAL A 149 -16.74 -15.50 16.66
C VAL A 149 -15.61 -16.06 17.50
N SER A 150 -14.44 -16.17 16.88
CA SER A 150 -13.22 -16.52 17.58
C SER A 150 -12.16 -15.47 17.21
N LEU A 151 -11.25 -15.18 18.14
CA LEU A 151 -10.19 -14.21 17.85
C LEU A 151 -8.86 -14.71 18.37
N PHE A 152 -7.82 -14.65 17.54
CA PHE A 152 -6.48 -14.77 18.11
C PHE A 152 -6.21 -13.49 18.89
N ALA A 153 -5.71 -13.63 20.11
CA ALA A 153 -5.55 -12.46 20.98
C ALA A 153 -4.48 -12.67 22.03
N LYS A 154 -3.72 -11.62 22.31
CA LYS A 154 -2.74 -11.67 23.38
C LYS A 154 -2.86 -10.44 24.27
N PRO A 155 -3.28 -10.65 25.53
CA PRO A 155 -3.49 -9.54 26.46
C PRO A 155 -2.15 -9.03 27.00
N LEU A 156 -2.09 -7.76 27.37
CA LEU A 156 -0.93 -7.27 28.09
C LEU A 156 -0.80 -7.97 29.44
N LEU A 157 -1.93 -8.13 30.13
CA LEU A 157 -1.98 -8.80 31.43
C LEU A 157 -2.84 -10.05 31.42
N ALA A 158 -2.45 -11.04 32.22
CA ALA A 158 -3.29 -12.22 32.40
C ALA A 158 -4.68 -11.82 32.92
N GLU A 159 -5.71 -12.54 32.46
CA GLU A 159 -7.10 -12.33 32.90
C GLU A 159 -7.79 -11.05 32.38
N GLN A 160 -7.04 -10.24 31.65
CA GLN A 160 -7.55 -9.04 30.99
C GLN A 160 -8.83 -9.33 30.18
N THR A 161 -9.69 -8.34 30.04
CA THR A 161 -10.94 -8.50 29.30
C THR A 161 -11.01 -7.56 28.10
N LEU A 162 -11.93 -7.87 27.19
CA LEU A 162 -12.36 -6.94 26.17
C LEU A 162 -13.84 -7.19 25.99
N THR A 163 -14.51 -6.40 25.15
CA THR A 163 -15.91 -6.65 24.91
C THR A 163 -16.16 -6.85 23.43
N VAL A 164 -17.06 -7.76 23.12
CA VAL A 164 -17.49 -8.01 21.74
C VAL A 164 -19.00 -7.78 21.70
N ASN A 165 -19.43 -6.78 20.92
CA ASN A 165 -20.81 -6.28 20.97
C ASN A 165 -21.34 -6.12 22.40
N GLY A 166 -20.54 -5.54 23.29
CA GLY A 166 -20.97 -5.30 24.64
C GLY A 166 -20.77 -6.44 25.62
N ASN A 167 -20.54 -7.65 25.11
CA ASN A 167 -20.33 -8.81 25.99
C ASN A 167 -18.87 -8.95 26.43
N THR A 168 -18.67 -9.19 27.74
CA THR A 168 -17.34 -9.30 28.29
C THR A 168 -16.66 -10.63 27.99
N VAL A 169 -15.48 -10.54 27.39
CA VAL A 169 -14.72 -11.72 27.00
C VAL A 169 -13.36 -11.62 27.67
N SER A 170 -12.95 -12.68 28.37
CA SER A 170 -11.72 -12.65 29.15
CA SER A 170 -11.73 -12.67 29.18
C SER A 170 -10.67 -13.64 28.66
N ALA A 171 -9.40 -13.26 28.77
CA ALA A 171 -8.29 -14.14 28.49
C ALA A 171 -8.21 -15.16 29.62
N ASN A 172 -7.50 -16.25 29.37
CA ASN A 172 -7.10 -17.18 30.43
C ASN A 172 -5.59 -17.20 30.51
N GLY A 173 -5.06 -16.56 31.53
CA GLY A 173 -3.63 -16.37 31.60
C GLY A 173 -3.18 -15.40 30.53
N GLY A 174 -1.90 -15.47 30.18
CA GLY A 174 -1.30 -14.55 29.22
C GLY A 174 -0.88 -15.29 27.97
N GLY A 175 -0.21 -14.58 27.07
CA GLY A 175 0.23 -15.20 25.83
C GLY A 175 -0.89 -15.27 24.80
N TRP A 176 -0.52 -15.54 23.55
CA TRP A 176 -1.49 -15.76 22.49
C TRP A 176 -2.41 -16.90 22.84
N GLN A 177 -3.66 -16.78 22.44
CA GLN A 177 -4.68 -17.77 22.71
C GLN A 177 -5.84 -17.44 21.79
N VAL A 178 -6.83 -18.33 21.70
CA VAL A 178 -8.01 -18.03 20.92
C VAL A 178 -9.19 -17.80 21.86
N LEU A 179 -9.87 -16.68 21.67
CA LEU A 179 -11.03 -16.36 22.46
C LEU A 179 -12.25 -16.78 21.67
N ASP A 180 -13.17 -17.50 22.31
CA ASP A 180 -14.40 -17.94 21.66
C ASP A 180 -15.61 -17.19 22.24
N THR A 181 -16.44 -16.63 21.37
CA THR A 181 -17.66 -15.99 21.82
C THR A 181 -18.67 -15.99 20.69
N GLY A 182 -19.78 -15.29 20.88
CA GLY A 182 -20.80 -15.18 19.84
C GLY A 182 -21.31 -13.77 19.72
N ALA A 183 -21.56 -13.35 18.49
CA ALA A 183 -22.10 -12.02 18.24
C ALA A 183 -22.58 -11.94 16.80
N ALA A 184 -23.26 -10.84 16.46
CA ALA A 184 -23.71 -10.63 15.09
C ALA A 184 -22.80 -9.61 14.41
N LEU A 185 -23.05 -9.40 13.11
CA LEU A 185 -22.40 -8.32 12.38
C LEU A 185 -23.42 -7.20 12.19
N PRO A 186 -22.99 -5.93 12.28
CA PRO A 186 -21.63 -5.43 12.53
C PRO A 186 -21.10 -5.82 13.90
N LEU A 187 -19.79 -6.04 13.97
CA LEU A 187 -19.14 -6.55 15.15
C LEU A 187 -18.26 -5.46 15.71
N THR A 188 -18.49 -5.06 16.96
CA THR A 188 -17.71 -4.00 17.57
C THR A 188 -16.94 -4.53 18.78
N ILE A 189 -15.63 -4.34 18.75
CA ILE A 189 -14.75 -4.85 19.78
C ILE A 189 -14.05 -3.70 20.48
N HIS A 190 -14.18 -3.65 21.79
CA HIS A 190 -13.66 -2.55 22.61
C HIS A 190 -12.59 -3.07 23.56
N THR A 191 -11.47 -2.37 23.64
CA THR A 191 -10.40 -2.79 24.55
C THR A 191 -10.04 -1.66 25.50
N GLU A 192 -10.40 -1.84 26.77
CA GLU A 192 -10.07 -0.85 27.79
C GLU A 192 -8.55 -0.71 27.90
N MET A 193 -7.87 -1.84 28.06
CA MET A 193 -6.41 -1.89 28.10
C MET A 193 -5.86 -2.55 26.83
N PRO A 194 -4.54 -2.40 26.56
CA PRO A 194 -4.01 -2.87 25.28
C PRO A 194 -3.97 -4.39 25.10
N TRP A 195 -4.29 -4.82 23.88
CA TRP A 195 -4.11 -6.21 23.45
C TRP A 195 -3.40 -6.21 22.10
N ASP A 196 -2.84 -7.37 21.73
CA ASP A 196 -2.55 -7.64 20.33
C ASP A 196 -3.60 -8.61 19.81
N ILE A 197 -4.12 -8.35 18.62
CA ILE A 197 -5.17 -9.21 18.03
C ILE A 197 -4.67 -9.74 16.68
N GLY A 198 -4.94 -11.02 16.42
CA GLY A 198 -4.57 -11.65 15.17
C GLY A 198 -5.81 -11.76 14.31
N PHE A 199 -5.94 -12.81 13.52
CA PHE A 199 -7.10 -12.96 12.67
C PHE A 199 -8.30 -13.24 13.56
N ILE A 200 -9.47 -12.88 13.04
CA ILE A 200 -10.73 -13.01 13.75
C ILE A 200 -11.66 -13.85 12.90
N ASN A 201 -12.15 -14.94 13.45
CA ASN A 201 -12.99 -15.87 12.69
C ASN A 201 -14.44 -15.57 12.91
N ILE A 202 -15.18 -15.42 11.81
CA ILE A 202 -16.59 -15.10 11.89
C ILE A 202 -17.38 -16.09 11.02
N GLU A 203 -18.11 -16.99 11.67
CA GLU A 203 -18.76 -18.13 11.02
C GLU A 203 -20.27 -18.14 11.24
N ASN A 204 -21.01 -18.51 10.21
CA ASN A 204 -22.45 -18.64 10.29
C ASN A 204 -22.80 -20.02 10.87
N PRO A 205 -23.61 -20.05 11.94
CA PRO A 205 -24.01 -21.25 12.68
C PRO A 205 -24.72 -22.32 11.84
N ALA A 206 -25.33 -21.93 10.72
CA ALA A 206 -25.95 -22.89 9.81
C ALA A 206 -24.95 -23.74 9.00
N GLY A 207 -23.68 -23.39 9.06
CA GLY A 207 -22.65 -24.15 8.37
C GLY A 207 -22.47 -23.79 6.90
N GLY A 208 -21.57 -24.52 6.22
CA GLY A 208 -21.27 -24.23 4.83
C GLY A 208 -19.77 -24.13 4.61
N ILE A 209 -19.35 -23.42 3.56
CA ILE A 209 -17.93 -23.26 3.27
C ILE A 209 -17.44 -21.91 3.78
N THR A 210 -16.22 -21.84 4.29
CA THR A 210 -15.57 -20.54 4.43
C THR A 210 -14.27 -20.59 3.68
N VAL A 211 -13.84 -19.44 3.16
CA VAL A 211 -12.52 -19.32 2.54
C VAL A 211 -11.78 -18.16 3.20
N SER A 212 -10.71 -18.49 3.90
CA SER A 212 -9.93 -17.50 4.64
C SER A 212 -8.63 -17.22 3.90
N ALA A 213 -8.25 -15.94 3.81
CA ALA A 213 -7.03 -15.57 3.09
C ALA A 213 -5.98 -15.06 4.05
N MET A 214 -4.85 -15.77 4.14
CA MET A 214 -3.74 -15.33 4.97
C MET A 214 -2.54 -15.04 4.08
N GLY A 215 -2.59 -13.89 3.41
CA GLY A 215 -1.51 -13.47 2.53
C GLY A 215 -0.64 -12.38 3.10
N ILE A 216 0.62 -12.37 2.66
CA ILE A 216 1.57 -11.33 3.02
C ILE A 216 2.32 -10.91 1.76
N ASN A 217 2.20 -9.65 1.37
CA ASN A 217 2.88 -9.15 0.17
C ASN A 217 4.37 -9.51 0.19
N GLY A 218 4.85 -10.15 -0.87
CA GLY A 218 6.27 -10.48 -0.97
C GLY A 218 6.74 -11.75 -0.27
N ALA A 219 5.85 -12.42 0.45
CA ALA A 219 6.26 -13.53 1.32
C ALA A 219 6.67 -14.82 0.58
N GLN A 220 7.49 -15.61 1.26
CA GLN A 220 7.89 -16.94 0.81
C GLN A 220 7.50 -17.93 1.90
N LEU A 221 7.30 -19.21 1.55
CA LEU A 221 6.83 -20.19 2.53
C LEU A 221 7.75 -20.36 3.71
N THR A 222 9.06 -20.33 3.45
CA THR A 222 10.05 -20.50 4.51
C THR A 222 9.99 -19.37 5.53
N GLN A 223 9.39 -18.25 5.14
CA GLN A 223 9.32 -17.10 6.02
C GLN A 223 8.23 -17.24 7.10
N TRP A 224 7.58 -18.39 7.17
CA TRP A 224 6.82 -18.73 8.37
C TRP A 224 7.74 -18.67 9.61
N SER A 225 9.04 -18.82 9.39
CA SER A 225 10.02 -18.75 10.48
C SER A 225 10.03 -17.38 11.20
N LYS A 226 9.51 -16.36 10.53
CA LYS A 226 9.32 -15.04 11.14
C LYS A 226 8.23 -15.03 12.20
N TRP A 227 7.38 -16.06 12.20
CA TRP A 227 6.23 -16.10 13.11
C TRP A 227 6.60 -16.87 14.38
N ARG A 228 5.76 -16.80 15.42
CA ARG A 228 6.12 -17.36 16.72
C ARG A 228 6.36 -18.87 16.68
N ALA A 229 7.17 -19.37 17.62
CA ALA A 229 7.56 -20.78 17.61
C ALA A 229 6.34 -21.72 17.67
N ASP A 230 5.29 -21.30 18.37
CA ASP A 230 4.08 -22.11 18.52
C ASP A 230 3.05 -21.88 17.42
N ARG A 231 3.50 -21.43 16.26
CA ARG A 231 2.57 -21.13 15.15
C ARG A 231 1.73 -22.33 14.66
N MET A 232 2.28 -23.54 14.78
CA MET A 232 1.52 -24.74 14.40
C MET A 232 0.34 -25.01 15.36
N ASN A 233 0.48 -24.61 16.62
CA ASN A 233 -0.66 -24.68 17.53
C ASN A 233 -1.75 -23.67 17.13
N ASP A 234 -1.34 -22.52 16.60
CA ASP A 234 -2.32 -21.59 16.02
C ASP A 234 -3.01 -22.25 14.80
N LEU A 235 -2.23 -22.93 13.96
CA LEU A 235 -2.81 -23.61 12.79
C LEU A 235 -3.82 -24.69 13.21
N ALA A 236 -3.44 -25.48 14.21
CA ALA A 236 -4.34 -26.49 14.77
C ALA A 236 -5.68 -25.88 15.16
N GLN A 237 -5.67 -24.62 15.59
CA GLN A 237 -6.89 -24.01 16.11
C GLN A 237 -7.68 -23.23 15.09
N THR A 238 -7.25 -23.24 13.82
CA THR A 238 -8.01 -22.55 12.76
C THR A 238 -9.22 -23.40 12.36
N GLY A 239 -9.12 -24.70 12.60
CA GLY A 239 -10.16 -25.61 12.19
C GLY A 239 -10.16 -25.89 10.69
N ALA A 240 -9.09 -25.50 10.00
CA ALA A 240 -9.00 -25.68 8.54
C ALA A 240 -9.17 -27.13 8.11
N ASP A 241 -10.03 -27.35 7.13
CA ASP A 241 -10.23 -28.69 6.60
C ASP A 241 -9.49 -28.88 5.28
N LEU A 242 -9.11 -27.76 4.67
CA LEU A 242 -8.25 -27.78 3.48
C LEU A 242 -7.30 -26.60 3.57
N VAL A 243 -5.99 -26.87 3.53
CA VAL A 243 -4.99 -25.81 3.60
C VAL A 243 -4.41 -25.60 2.20
N ILE A 244 -4.54 -24.40 1.68
CA ILE A 244 -3.96 -24.06 0.39
C ILE A 244 -2.71 -23.24 0.60
N LEU A 245 -1.60 -23.74 0.09
CA LEU A 245 -0.33 -23.00 0.14
C LEU A 245 -0.09 -22.40 -1.24
N SER A 246 -0.02 -21.08 -1.30
CA SER A 246 0.18 -20.41 -2.58
C SER A 246 1.39 -19.47 -2.53
N TYR A 247 2.57 -20.02 -2.80
CA TYR A 247 3.80 -19.25 -2.83
C TYR A 247 4.54 -19.59 -4.11
N GLY A 248 5.76 -19.11 -4.27
CA GLY A 248 6.56 -19.51 -5.41
C GLY A 248 7.06 -18.34 -6.22
N THR A 249 6.21 -17.34 -6.37
CA THR A 249 6.57 -16.15 -7.16
C THR A 249 7.78 -15.41 -6.60
N ASN A 250 7.79 -15.18 -5.29
CA ASN A 250 8.92 -14.49 -4.70
C ASN A 250 10.17 -15.36 -4.57
N GLU A 251 10.00 -16.62 -4.20
CA GLU A 251 11.12 -17.55 -4.20
C GLU A 251 11.81 -17.49 -5.57
N ALA A 252 10.99 -17.45 -6.63
CA ALA A 252 11.51 -17.44 -7.99
C ALA A 252 12.39 -16.25 -8.31
N PHE A 253 12.20 -15.13 -7.61
CA PHE A 253 12.99 -13.94 -7.90
C PHE A 253 14.27 -13.86 -7.08
N ASN A 254 14.52 -14.87 -6.25
CA ASN A 254 15.78 -14.98 -5.55
C ASN A 254 16.78 -15.74 -6.42
N ASN A 255 17.64 -15.01 -7.13
CA ASN A 255 18.60 -15.65 -8.03
C ASN A 255 19.50 -16.67 -7.31
N ASN A 256 19.67 -16.50 -6.00
CA ASN A 256 20.60 -17.36 -5.28
C ASN A 256 19.92 -18.40 -4.37
N ILE A 257 18.64 -18.66 -4.62
CA ILE A 257 17.91 -19.64 -3.83
C ILE A 257 18.55 -21.03 -3.91
N ASP A 258 18.53 -21.75 -2.79
CA ASP A 258 19.06 -23.11 -2.73
C ASP A 258 17.88 -24.06 -2.80
N ILE A 259 17.65 -24.63 -3.97
CA ILE A 259 16.47 -25.45 -4.21
C ILE A 259 16.45 -26.66 -3.28
N ALA A 260 17.60 -27.31 -3.12
CA ALA A 260 17.67 -28.49 -2.26
C ALA A 260 17.31 -28.14 -0.82
N ASP A 261 17.84 -27.03 -0.31
CA ASP A 261 17.50 -26.62 1.05
C ASP A 261 16.03 -26.22 1.14
N THR A 262 15.58 -25.43 0.17
CA THR A 262 14.21 -24.95 0.15
C THR A 262 13.23 -26.12 0.12
N GLU A 263 13.51 -27.08 -0.75
CA GLU A 263 12.70 -28.30 -0.85
C GLU A 263 12.54 -29.03 0.48
N GLN A 264 13.63 -29.15 1.23
CA GLN A 264 13.56 -29.82 2.53
C GLN A 264 12.70 -29.04 3.51
N LYS A 265 12.80 -27.71 3.46
CA LYS A 265 11.99 -26.87 4.33
C LYS A 265 10.52 -26.98 3.97
N TRP A 266 10.23 -27.02 2.68
CA TRP A 266 8.86 -27.19 2.22
C TRP A 266 8.28 -28.53 2.69
N LEU A 267 9.03 -29.60 2.49
CA LEU A 267 8.59 -30.92 2.98
C LEU A 267 8.36 -30.91 4.48
N ASP A 268 9.27 -30.30 5.23
CA ASP A 268 9.11 -30.14 6.67
C ASP A 268 7.81 -29.42 7.02
N THR A 269 7.52 -28.33 6.30
CA THR A 269 6.33 -27.55 6.54
C THR A 269 5.06 -28.37 6.29
N VAL A 270 5.04 -29.13 5.20
CA VAL A 270 3.89 -29.99 4.91
C VAL A 270 3.70 -31.05 6.00
N ARG A 271 4.79 -31.67 6.42
CA ARG A 271 4.79 -32.62 7.52
C ARG A 271 4.16 -32.00 8.76
N GLN A 272 4.64 -30.80 9.11
CA GLN A 272 4.12 -30.10 10.26
C GLN A 272 2.64 -29.75 10.17
N ILE A 273 2.19 -29.35 8.98
CA ILE A 273 0.77 -29.10 8.77
C ILE A 273 -0.04 -30.36 9.02
N ARG A 274 0.44 -31.50 8.52
CA ARG A 274 -0.25 -32.78 8.71
C ARG A 274 -0.31 -33.19 10.17
N ASP A 275 0.81 -33.02 10.89
CA ASP A 275 0.82 -33.28 12.32
C ASP A 275 -0.18 -32.40 13.05
N SER A 276 -0.24 -31.13 12.66
CA SER A 276 -1.07 -30.15 13.37
C SER A 276 -2.55 -30.27 13.03
N LEU A 277 -2.84 -30.69 11.80
CA LEU A 277 -4.22 -30.87 11.36
C LEU A 277 -4.35 -32.20 10.61
N PRO A 278 -4.48 -33.31 11.36
CA PRO A 278 -4.44 -34.66 10.76
C PRO A 278 -5.59 -34.93 9.79
N ALA A 279 -6.71 -34.23 9.95
CA ALA A 279 -7.87 -34.48 9.08
C ALA A 279 -7.93 -33.53 7.86
N ALA A 280 -6.97 -32.62 7.75
CA ALA A 280 -7.04 -31.62 6.69
C ALA A 280 -6.45 -32.09 5.36
N GLY A 281 -7.02 -31.62 4.25
CA GLY A 281 -6.40 -31.77 2.96
C GLY A 281 -5.37 -30.67 2.77
N ILE A 282 -4.41 -30.89 1.89
CA ILE A 282 -3.41 -29.88 1.54
C ILE A 282 -3.33 -29.71 0.03
N LEU A 283 -3.36 -28.46 -0.45
CA LEU A 283 -3.23 -28.17 -1.86
C LEU A 283 -2.09 -27.19 -2.08
N ILE A 284 -1.13 -27.57 -2.90
CA ILE A 284 -0.03 -26.68 -3.27
C ILE A 284 -0.30 -26.03 -4.63
N ILE A 285 -0.36 -24.70 -4.64
CA ILE A 285 -0.55 -23.95 -5.86
C ILE A 285 0.81 -23.62 -6.49
N GLY A 286 1.14 -24.30 -7.58
CA GLY A 286 2.38 -24.03 -8.28
C GLY A 286 2.40 -22.60 -8.77
N ALA A 287 3.56 -21.96 -8.71
CA ALA A 287 3.67 -20.56 -9.10
C ALA A 287 3.18 -20.31 -10.53
N PRO A 288 2.50 -19.16 -10.76
CA PRO A 288 2.14 -18.78 -12.13
C PRO A 288 3.39 -18.39 -12.89
N GLU A 289 3.30 -18.26 -14.21
CA GLU A 289 4.42 -17.70 -14.94
C GLU A 289 4.55 -16.24 -14.52
N SER A 290 5.79 -15.83 -14.26
CA SER A 290 6.13 -14.43 -14.05
C SER A 290 7.17 -14.08 -15.08
N LEU A 291 7.36 -12.78 -15.32
CA LEU A 291 8.39 -12.31 -16.23
C LEU A 291 9.32 -11.36 -15.50
N LYS A 292 10.62 -11.58 -15.71
CA LYS A 292 11.65 -10.68 -15.20
C LYS A 292 11.63 -9.41 -16.04
N ASN A 293 11.17 -9.56 -17.27
CA ASN A 293 11.03 -8.43 -18.17
C ASN A 293 10.04 -8.79 -19.27
N THR A 294 9.20 -7.85 -19.65
CA THR A 294 8.04 -8.16 -20.48
C THR A 294 8.30 -8.02 -21.98
N LEU A 295 9.56 -7.85 -22.37
CA LEU A 295 9.90 -7.60 -23.76
C LEU A 295 9.88 -8.85 -24.64
N GLY A 296 9.25 -8.73 -25.80
CA GLY A 296 9.48 -9.66 -26.89
C GLY A 296 8.69 -10.95 -26.93
N VAL A 297 7.37 -10.86 -27.09
CA VAL A 297 6.52 -12.02 -27.38
C VAL A 297 6.41 -13.05 -26.24
N CYS A 298 7.54 -13.39 -25.62
CA CYS A 298 7.58 -14.49 -24.67
C CYS A 298 8.21 -14.13 -23.34
N GLY A 299 9.54 -14.00 -23.39
CA GLY A 299 10.37 -13.82 -22.21
C GLY A 299 10.19 -12.48 -21.55
N THR A 300 10.97 -12.22 -20.50
CA THR A 300 11.95 -13.19 -20.01
C THR A 300 11.58 -13.70 -18.62
N ARG A 301 11.60 -15.02 -18.46
CA ARG A 301 11.30 -15.64 -17.18
C ARG A 301 12.46 -15.41 -16.22
N PRO A 302 12.17 -15.24 -14.92
CA PRO A 302 13.29 -15.19 -13.98
C PRO A 302 14.04 -16.51 -14.04
N VAL A 303 15.35 -16.44 -13.82
CA VAL A 303 16.25 -17.58 -13.97
C VAL A 303 15.91 -18.77 -13.07
N ARG A 304 15.31 -18.53 -11.91
CA ARG A 304 15.03 -19.63 -11.00
C ARG A 304 13.57 -20.08 -10.97
N LEU A 305 12.74 -19.52 -11.84
CA LEU A 305 11.30 -19.78 -11.80
C LEU A 305 10.99 -21.25 -12.07
N THR A 306 11.57 -21.78 -13.14
CA THR A 306 11.31 -23.16 -13.53
C THR A 306 11.70 -24.13 -12.42
N GLU A 307 12.87 -23.93 -11.83
CA GLU A 307 13.31 -24.81 -10.76
C GLU A 307 12.39 -24.76 -9.54
N VAL A 308 11.91 -23.56 -9.21
CA VAL A 308 10.97 -23.39 -8.11
C VAL A 308 9.65 -24.11 -8.38
N GLN A 309 9.07 -23.91 -9.55
CA GLN A 309 7.81 -24.59 -9.90
C GLN A 309 7.95 -26.11 -9.85
N GLN A 310 9.11 -26.61 -10.26
CA GLN A 310 9.34 -28.06 -10.27
C GLN A 310 9.52 -28.59 -8.86
N MET A 311 10.20 -27.82 -8.03
CA MET A 311 10.34 -28.18 -6.63
C MET A 311 8.97 -28.31 -5.99
N GLN A 312 8.08 -27.35 -6.29
CA GLN A 312 6.74 -27.35 -5.71
C GLN A 312 5.99 -28.63 -6.01
N ARG A 313 6.06 -29.08 -7.26
CA ARG A 313 5.40 -30.31 -7.64
C ARG A 313 6.01 -31.55 -6.97
N ARG A 314 7.33 -31.62 -6.87
CA ARG A 314 7.98 -32.71 -6.13
C ARG A 314 7.52 -32.75 -4.67
N VAL A 315 7.43 -31.59 -4.05
CA VAL A 315 6.96 -31.51 -2.66
C VAL A 315 5.54 -32.05 -2.52
N ALA A 316 4.66 -31.63 -3.44
CA ALA A 316 3.30 -32.14 -3.50
C ALA A 316 3.24 -33.68 -3.55
N ARG A 317 4.05 -34.27 -4.42
CA ARG A 317 4.02 -35.71 -4.61
C ARG A 317 4.58 -36.44 -3.41
N GLN A 318 5.72 -35.97 -2.92
CA GLN A 318 6.38 -36.58 -1.76
CA GLN A 318 6.36 -36.61 -1.78
C GLN A 318 5.53 -36.40 -0.51
N GLY A 319 4.86 -35.26 -0.40
CA GLY A 319 3.99 -35.01 0.75
C GLY A 319 2.57 -35.54 0.57
N GLN A 320 2.34 -36.20 -0.56
CA GLN A 320 1.02 -36.73 -0.93
C GLN A 320 -0.10 -35.70 -0.88
N THR A 321 0.18 -34.50 -1.35
CA THR A 321 -0.81 -33.43 -1.37
C THR A 321 -1.42 -33.32 -2.76
N MET A 322 -2.34 -32.39 -2.92
CA MET A 322 -2.82 -32.02 -4.25
C MET A 322 -1.93 -30.91 -4.79
N PHE A 323 -1.89 -30.79 -6.12
CA PHE A 323 -1.07 -29.77 -6.80
C PHE A 323 -1.89 -29.16 -7.94
N TRP A 324 -2.00 -27.83 -7.95
CA TRP A 324 -2.69 -27.14 -9.03
C TRP A 324 -1.70 -26.24 -9.76
N SER A 325 -1.52 -26.49 -11.04
CA SER A 325 -0.55 -25.71 -11.82
C SER A 325 -1.15 -24.44 -12.37
N TRP A 326 -0.91 -23.34 -11.67
CA TRP A 326 -1.36 -22.02 -12.11
C TRP A 326 -0.71 -21.70 -13.45
N GLN A 327 0.55 -22.09 -13.65
CA GLN A 327 1.13 -21.85 -14.97
C GLN A 327 0.36 -22.58 -16.07
N ASN A 328 -0.03 -23.83 -15.83
CA ASN A 328 -0.79 -24.54 -16.85
C ASN A 328 -2.19 -23.99 -17.01
N ALA A 329 -2.81 -23.60 -15.91
CA ALA A 329 -4.08 -22.87 -15.97
C ALA A 329 -4.00 -21.65 -16.88
N MET A 330 -2.84 -21.00 -16.93
CA MET A 330 -2.68 -19.80 -17.74
C MET A 330 -2.48 -20.10 -19.23
N GLY A 331 -2.19 -21.36 -19.55
CA GLY A 331 -1.85 -21.72 -20.92
C GLY A 331 -0.45 -22.27 -21.06
N GLY A 332 0.22 -22.48 -19.93
CA GLY A 332 1.55 -23.05 -19.92
C GLY A 332 2.63 -21.99 -20.07
N ILE A 333 3.83 -22.42 -20.47
CA ILE A 333 4.97 -21.50 -20.63
C ILE A 333 4.63 -20.48 -21.73
N CYS A 334 5.21 -19.29 -21.61
CA CYS A 334 5.00 -18.22 -22.58
C CYS A 334 3.52 -17.80 -22.63
N SER A 335 2.89 -17.66 -21.48
CA SER A 335 1.49 -17.24 -21.44
C SER A 335 1.31 -15.88 -20.76
N MET A 336 2.25 -15.50 -19.90
CA MET A 336 2.08 -14.27 -19.13
C MET A 336 2.03 -13.03 -20.01
N LYS A 337 2.86 -12.96 -21.05
CA LYS A 337 2.85 -11.77 -21.90
C LYS A 337 1.49 -11.62 -22.59
N ASN A 338 0.92 -12.74 -23.02
CA ASN A 338 -0.41 -12.72 -23.61
C ASN A 338 -1.45 -12.23 -22.61
N TRP A 339 -1.38 -12.74 -21.38
CA TRP A 339 -2.29 -12.29 -20.32
C TRP A 339 -2.18 -10.80 -20.07
N LEU A 340 -0.94 -10.32 -20.08
CA LEU A 340 -0.64 -8.91 -19.88
C LEU A 340 -1.25 -8.09 -21.02
N ASN A 341 -1.02 -8.54 -22.25
CA ASN A 341 -1.52 -7.79 -23.41
C ASN A 341 -3.04 -7.67 -23.38
N GLN A 342 -3.72 -8.62 -22.76
CA GLN A 342 -5.16 -8.63 -22.78
C GLN A 342 -5.81 -8.09 -21.51
N GLY A 343 -4.99 -7.55 -20.61
CA GLY A 343 -5.49 -6.93 -19.40
C GLY A 343 -5.85 -7.89 -18.27
N TRP A 344 -5.52 -9.16 -18.43
CA TRP A 344 -5.73 -10.14 -17.36
C TRP A 344 -4.54 -10.16 -16.39
N ALA A 345 -3.47 -9.47 -16.73
CA ALA A 345 -2.31 -9.39 -15.86
C ALA A 345 -1.80 -7.96 -15.87
N ALA A 346 -1.17 -7.55 -14.77
CA ALA A 346 -0.64 -6.20 -14.63
C ALA A 346 0.58 -5.97 -15.52
N LYS A 347 0.91 -4.70 -15.73
CA LYS A 347 2.01 -4.33 -16.61
C LYS A 347 3.37 -4.88 -16.18
N ASP A 348 3.52 -5.20 -14.90
CA ASP A 348 4.82 -5.68 -14.43
C ASP A 348 5.11 -7.14 -14.80
N GLY A 349 4.11 -7.82 -15.35
CA GLY A 349 4.27 -9.22 -15.75
C GLY A 349 4.47 -10.18 -14.59
N VAL A 350 4.08 -9.75 -13.39
CA VAL A 350 4.20 -10.57 -12.20
C VAL A 350 2.84 -10.68 -11.52
N HIS A 351 2.22 -9.53 -11.27
CA HIS A 351 0.93 -9.50 -10.60
C HIS A 351 -0.22 -9.51 -11.61
N PHE A 352 -1.42 -9.87 -11.14
CA PHE A 352 -2.54 -9.93 -12.05
C PHE A 352 -3.52 -8.79 -11.78
N SER A 353 -4.45 -8.59 -12.69
CA SER A 353 -5.48 -7.61 -12.51
C SER A 353 -6.61 -8.32 -11.82
N ALA A 354 -7.59 -7.57 -11.34
CA ALA A 354 -8.73 -8.13 -10.64
C ALA A 354 -9.38 -9.27 -11.43
N LYS A 355 -9.59 -9.07 -12.73
CA LYS A 355 -10.30 -10.10 -13.50
C LYS A 355 -9.38 -11.29 -13.78
N GLY A 356 -8.08 -11.03 -13.83
CA GLY A 356 -7.12 -12.11 -13.99
C GLY A 356 -7.15 -13.05 -12.80
N TYR A 357 -7.15 -12.47 -11.60
CA TYR A 357 -7.24 -13.31 -10.40
C TYR A 357 -8.57 -14.05 -10.34
N ARG A 358 -9.66 -13.36 -10.70
CA ARG A 358 -10.97 -13.98 -10.67
C ARG A 358 -11.01 -15.17 -11.62
N ARG A 359 -10.42 -15.00 -12.80
CA ARG A 359 -10.39 -16.05 -13.83
C ARG A 359 -9.62 -17.26 -13.35
N ALA A 360 -8.43 -17.03 -12.81
CA ALA A 360 -7.60 -18.12 -12.33
C ALA A 360 -8.31 -18.90 -11.23
N ALA A 361 -8.99 -18.19 -10.33
CA ALA A 361 -9.66 -18.85 -9.21
C ALA A 361 -10.88 -19.66 -9.63
N GLU A 362 -11.60 -19.17 -10.65
CA GLU A 362 -12.75 -19.90 -11.17
C GLU A 362 -12.30 -21.23 -11.77
N MET A 363 -11.11 -21.24 -12.37
CA MET A 363 -10.54 -22.48 -12.88
C MET A 363 -10.19 -23.45 -11.74
N LEU A 364 -9.63 -22.91 -10.65
CA LEU A 364 -9.35 -23.73 -9.48
C LEU A 364 -10.63 -24.29 -8.89
N ALA A 365 -11.65 -23.44 -8.81
CA ALA A 365 -12.93 -23.87 -8.25
C ALA A 365 -13.51 -24.99 -9.12
N ASP A 366 -13.42 -24.79 -10.44
CA ASP A 366 -13.77 -25.82 -11.42
C ASP A 366 -13.08 -27.14 -11.10
N SER A 367 -11.75 -27.09 -10.97
CA SER A 367 -10.95 -28.26 -10.68
C SER A 367 -11.37 -28.99 -9.40
N LEU A 368 -11.73 -28.23 -8.36
CA LEU A 368 -12.08 -28.83 -7.07
C LEU A 368 -13.46 -29.47 -7.11
N GLU A 369 -14.40 -28.79 -7.77
CA GLU A 369 -15.75 -29.33 -7.88
C GLU A 369 -15.75 -30.64 -8.68
N GLU A 370 -14.90 -30.71 -9.71
CA GLU A 370 -14.76 -31.92 -10.50
C GLU A 370 -14.29 -33.06 -9.62
N LEU A 371 -13.33 -32.73 -8.76
CA LEU A 371 -12.69 -33.73 -7.93
C LEU A 371 -13.70 -34.33 -6.98
N VAL A 372 -14.54 -33.46 -6.44
CA VAL A 372 -15.57 -33.87 -5.49
C VAL A 372 -16.62 -34.70 -6.22
N ARG A 373 -17.02 -34.23 -7.40
CA ARG A 373 -18.01 -34.92 -8.21
C ARG A 373 -17.59 -36.34 -8.57
N SER A 374 -16.30 -36.53 -8.80
CA SER A 374 -15.77 -37.85 -9.15
C SER A 374 -15.51 -38.74 -7.93
N ALA A 375 -15.68 -38.18 -6.74
CA ALA A 375 -15.45 -38.96 -5.52
C ALA A 375 -16.68 -39.77 -5.08
N GLY B 26 -7.78 34.34 -9.23
CA GLY B 26 -7.28 33.92 -7.94
C GLY B 26 -8.01 32.67 -7.57
N LEU B 27 -8.16 31.82 -8.58
CA LEU B 27 -9.29 30.92 -8.61
C LEU B 27 -9.02 29.55 -9.24
N LEU B 28 -9.85 28.62 -8.83
CA LEU B 28 -9.71 27.22 -9.18
C LEU B 28 -10.72 26.92 -10.27
N THR B 29 -10.24 26.34 -11.36
CA THR B 29 -11.14 25.87 -12.40
C THR B 29 -11.07 24.35 -12.48
N ASP B 30 -12.24 23.72 -12.47
CA ASP B 30 -12.28 22.27 -12.58
C ASP B 30 -12.69 21.87 -13.98
N TYR B 31 -11.76 21.29 -14.73
CA TYR B 31 -12.07 20.84 -16.07
C TYR B 31 -12.53 19.37 -16.06
N GLY B 32 -12.72 18.82 -14.87
CA GLY B 32 -13.23 17.47 -14.75
C GLY B 32 -14.52 17.47 -13.94
N ASN B 33 -14.70 16.47 -13.09
CA ASN B 33 -15.88 16.41 -12.25
C ASN B 33 -15.50 16.11 -10.81
N ALA B 34 -14.81 17.06 -10.16
CA ALA B 34 -14.28 16.85 -8.81
C ALA B 34 -15.37 16.56 -7.79
N SER B 35 -16.51 17.22 -7.95
CA SER B 35 -17.60 17.11 -6.98
C SER B 35 -18.19 15.71 -6.96
N ALA B 36 -18.00 14.98 -8.05
CA ALA B 36 -18.48 13.60 -8.16
C ALA B 36 -17.37 12.57 -8.00
N SER B 37 -16.18 13.01 -7.61
CA SER B 37 -15.00 12.15 -7.64
C SER B 37 -14.85 11.25 -6.42
N PRO B 38 -14.16 10.11 -6.58
CA PRO B 38 -13.72 9.27 -5.47
C PRO B 38 -12.91 10.03 -4.42
N TRP B 39 -12.01 10.91 -4.83
CA TRP B 39 -11.17 11.62 -3.87
C TRP B 39 -11.99 12.58 -3.04
N MET B 40 -13.03 13.17 -3.65
CA MET B 40 -13.88 14.10 -2.92
C MET B 40 -14.68 13.34 -1.86
N LYS B 41 -15.17 12.15 -2.21
CA LYS B 41 -15.90 11.32 -1.24
C LYS B 41 -15.03 10.99 -0.03
N LYS B 42 -13.78 10.62 -0.29
CA LYS B 42 -12.87 10.30 0.80
C LYS B 42 -12.63 11.50 1.71
N LEU B 43 -12.51 12.67 1.11
CA LEU B 43 -12.20 13.87 1.88
C LEU B 43 -13.39 14.27 2.77
N GLN B 44 -14.60 14.18 2.24
CA GLN B 44 -15.81 14.42 3.03
C GLN B 44 -15.80 13.51 4.25
N SER B 45 -15.58 12.22 4.03
CA SER B 45 -15.51 11.23 5.11
C SER B 45 -14.51 11.62 6.20
N VAL B 46 -13.31 12.04 5.79
CA VAL B 46 -12.31 12.46 6.77
C VAL B 46 -12.79 13.70 7.53
N ALA B 47 -13.39 14.64 6.81
CA ALA B 47 -13.92 15.85 7.43
C ALA B 47 -15.00 15.51 8.45
N GLN B 48 -15.73 14.42 8.19
CA GLN B 48 -16.72 13.90 9.13
C GLN B 48 -16.08 13.04 10.22
N GLY B 49 -14.79 12.75 10.07
CA GLY B 49 -14.06 11.99 11.08
C GLY B 49 -14.03 10.50 10.81
N SER B 50 -13.81 10.11 9.56
CA SER B 50 -13.72 8.70 9.20
C SER B 50 -12.46 8.07 9.79
N GLY B 51 -11.52 8.89 10.24
CA GLY B 51 -10.27 8.39 10.78
C GLY B 51 -9.24 8.02 9.72
N GLU B 52 -9.64 8.10 8.46
CA GLU B 52 -8.72 7.78 7.37
C GLU B 52 -7.75 8.92 7.14
N THR B 53 -6.75 8.72 6.28
CA THR B 53 -5.77 9.75 5.98
C THR B 53 -5.92 10.25 4.54
N PHE B 54 -6.22 11.54 4.37
CA PHE B 54 -6.27 12.13 3.03
C PHE B 54 -4.91 12.72 2.70
N ARG B 55 -4.30 12.23 1.64
CA ARG B 55 -2.92 12.60 1.34
C ARG B 55 -2.81 13.52 0.14
N ILE B 56 -2.26 14.70 0.40
CA ILE B 56 -2.01 15.67 -0.64
C ILE B 56 -0.52 15.67 -0.93
N LEU B 57 -0.15 15.47 -2.19
CA LEU B 57 1.24 15.41 -2.57
C LEU B 57 1.53 16.49 -3.60
N GLN B 58 2.39 17.44 -3.24
CA GLN B 58 2.75 18.51 -4.16
C GLN B 58 4.16 18.29 -4.70
N ILE B 59 4.24 18.14 -6.02
CA ILE B 59 5.50 17.86 -6.71
C ILE B 59 5.81 19.10 -7.56
N GLY B 60 6.98 19.70 -7.39
CA GLY B 60 7.26 20.96 -8.05
C GLY B 60 8.68 21.48 -7.99
N ASP B 61 8.81 22.80 -8.15
CA ASP B 61 10.11 23.44 -8.29
C ASP B 61 10.57 24.06 -6.98
N SER B 62 11.36 25.15 -7.05
CA SER B 62 11.86 25.80 -5.85
C SER B 62 10.76 26.34 -4.97
N HIS B 63 9.63 26.77 -5.51
CA HIS B 63 8.52 27.24 -4.67
C HIS B 63 8.01 26.12 -3.75
N THR B 64 8.00 24.90 -4.26
CA THR B 64 7.62 23.74 -3.46
C THR B 64 8.77 23.36 -2.52
N ALA B 65 9.99 23.44 -3.04
CA ALA B 65 11.18 22.94 -2.32
C ALA B 65 11.50 23.70 -1.05
N GLY B 66 11.03 24.94 -0.93
CA GLY B 66 11.29 25.77 0.23
C GLY B 66 10.33 25.47 1.37
N ASP B 67 9.23 24.81 1.03
CA ASP B 67 8.21 24.40 1.99
C ASP B 67 7.33 25.50 2.62
N PHE B 68 7.60 26.77 2.32
CA PHE B 68 6.77 27.86 2.89
C PHE B 68 5.34 27.85 2.34
N PHE B 69 5.20 27.56 1.05
CA PHE B 69 3.88 27.43 0.42
C PHE B 69 3.21 26.19 0.97
N THR B 70 3.87 25.04 0.84
CA THR B 70 3.28 23.77 1.26
C THR B 70 3.04 23.68 2.77
N ASP B 71 3.90 24.28 3.58
CA ASP B 71 3.66 24.26 5.03
C ASP B 71 2.47 25.15 5.40
N SER B 72 2.28 26.26 4.69
CA SER B 72 1.12 27.11 4.95
C SER B 72 -0.14 26.34 4.58
N LEU B 73 -0.13 25.75 3.40
CA LEU B 73 -1.23 24.87 2.99
C LEU B 73 -1.44 23.75 4.00
N ARG B 74 -0.35 23.18 4.49
CA ARG B 74 -0.40 22.08 5.47
C ARG B 74 -1.10 22.48 6.79
N LYS B 75 -0.62 23.54 7.42
CA LYS B 75 -1.22 24.03 8.67
C LYS B 75 -2.71 24.41 8.51
N ARG B 76 -3.06 25.03 7.38
CA ARG B 76 -4.45 25.44 7.12
C ARG B 76 -5.40 24.27 6.99
N LEU B 77 -5.08 23.34 6.08
CA LEU B 77 -5.97 22.23 5.81
C LEU B 77 -6.01 21.24 6.98
N GLN B 78 -4.96 21.22 7.79
CA GLN B 78 -4.97 20.37 8.97
C GLN B 78 -5.83 20.99 10.07
N LYS B 79 -5.84 22.31 10.15
CA LYS B 79 -6.72 22.98 11.11
C LYS B 79 -8.18 22.73 10.73
N THR B 80 -8.45 22.71 9.43
CA THR B 80 -9.80 22.52 8.91
C THR B 80 -10.29 21.07 8.96
N TRP B 81 -9.42 20.12 8.65
CA TRP B 81 -9.85 18.74 8.50
C TRP B 81 -9.05 17.73 9.31
N GLY B 82 -8.10 18.19 10.11
CA GLY B 82 -7.39 17.28 11.00
C GLY B 82 -5.91 17.14 10.71
N ASP B 83 -5.13 17.09 11.78
CA ASP B 83 -3.69 16.91 11.68
C ASP B 83 -3.38 15.44 11.43
N GLY B 84 -3.24 15.07 10.16
CA GLY B 84 -2.91 13.70 9.79
C GLY B 84 -1.45 13.34 9.94
N GLY B 85 -0.64 14.32 10.37
CA GLY B 85 0.78 14.09 10.56
C GLY B 85 1.69 14.85 9.60
N ILE B 86 2.95 14.47 9.61
CA ILE B 86 4.01 15.16 8.87
C ILE B 86 4.04 14.80 7.36
N GLY B 87 3.65 13.58 7.03
CA GLY B 87 3.65 13.14 5.65
C GLY B 87 5.00 12.65 5.16
N TRP B 88 5.22 12.72 3.85
CA TRP B 88 6.45 12.24 3.24
C TRP B 88 7.50 13.33 3.36
N VAL B 89 8.62 13.03 4.02
CA VAL B 89 9.69 14.02 4.18
C VAL B 89 11.05 13.50 3.67
N TYR B 90 12.00 14.43 3.52
CA TYR B 90 13.36 14.11 3.13
C TYR B 90 13.99 13.14 4.13
N PRO B 91 14.85 12.25 3.64
CA PRO B 91 15.53 11.30 4.51
C PRO B 91 16.71 11.96 5.22
N ALA B 92 17.09 13.15 4.75
CA ALA B 92 18.22 13.88 5.32
C ALA B 92 18.08 15.34 4.96
N ASN B 93 18.95 16.17 5.51
CA ASN B 93 19.03 17.56 5.11
C ASN B 93 19.34 17.66 3.62
N VAL B 94 18.67 18.57 2.94
CA VAL B 94 18.95 18.79 1.52
C VAL B 94 19.39 20.23 1.31
N LYS B 95 20.58 20.42 0.75
CA LYS B 95 21.12 21.76 0.59
C LYS B 95 20.21 22.64 -0.27
N GLY B 96 19.92 23.83 0.23
CA GLY B 96 19.14 24.79 -0.53
C GLY B 96 17.65 24.52 -0.49
N GLN B 97 17.26 23.46 0.23
CA GLN B 97 15.86 23.11 0.31
C GLN B 97 15.48 22.90 1.77
N ARG B 98 14.20 22.68 2.04
CA ARG B 98 13.74 22.80 3.42
C ARG B 98 12.49 22.00 3.72
N MET B 99 12.48 21.35 4.87
CA MET B 99 11.29 20.70 5.41
C MET B 99 10.95 21.48 6.67
N ALA B 100 9.82 22.17 6.66
CA ALA B 100 9.45 22.98 7.82
C ALA B 100 9.09 22.10 9.03
N ALA B 101 8.63 20.88 8.77
CA ALA B 101 7.95 20.11 9.80
C ALA B 101 8.84 19.12 10.54
N VAL B 102 10.10 19.01 10.12
CA VAL B 102 10.98 18.01 10.71
C VAL B 102 12.44 18.49 10.72
N ARG B 103 13.20 18.06 11.72
CA ARG B 103 14.64 18.38 11.78
C ARG B 103 15.44 17.09 11.58
N HIS B 104 16.58 17.19 10.91
CA HIS B 104 17.45 16.05 10.66
C HIS B 104 18.76 16.16 11.43
N ASN B 105 19.15 15.07 12.09
CA ASN B 105 20.49 14.98 12.70
C ASN B 105 21.06 13.60 12.42
N GLY B 106 22.08 13.53 11.58
CA GLY B 106 22.60 12.24 11.18
C GLY B 106 23.76 12.41 10.22
N ASN B 107 24.29 11.29 9.73
CA ASN B 107 25.49 11.36 8.91
C ASN B 107 25.24 10.90 7.47
N TRP B 108 23.99 10.67 7.12
CA TRP B 108 23.63 10.29 5.76
C TRP B 108 23.92 11.42 4.78
N GLN B 109 24.26 11.07 3.55
CA GLN B 109 24.57 12.07 2.54
C GLN B 109 23.43 12.18 1.53
N SER B 110 22.77 13.35 1.45
CA SER B 110 21.69 13.53 0.48
C SER B 110 22.20 13.92 -0.90
N LEU B 111 21.43 13.59 -1.93
CA LEU B 111 21.79 13.89 -3.30
C LEU B 111 20.49 14.11 -4.04
N THR B 112 20.45 15.05 -4.98
CA THR B 112 19.22 15.26 -5.74
C THR B 112 19.50 15.26 -7.23
N SER B 113 18.43 15.09 -8.00
CA SER B 113 18.48 14.98 -9.44
C SER B 113 18.77 16.31 -10.12
N ARG B 114 18.75 17.39 -9.35
CA ARG B 114 19.04 18.71 -9.92
C ARG B 114 20.38 18.71 -10.65
N ASN B 115 21.43 18.20 -10.00
CA ASN B 115 22.76 18.16 -10.64
C ASN B 115 23.42 16.78 -10.68
N ASN B 116 22.88 15.83 -9.95
CA ASN B 116 23.55 14.55 -9.78
C ASN B 116 22.90 13.45 -10.59
N THR B 117 23.71 12.47 -10.98
CA THR B 117 23.21 11.29 -11.64
C THR B 117 22.88 10.25 -10.59
N GLY B 118 21.96 9.36 -10.91
CA GLY B 118 21.57 8.38 -9.94
C GLY B 118 20.28 7.71 -10.32
N ASP B 119 19.97 6.68 -9.57
CA ASP B 119 18.76 5.90 -9.71
C ASP B 119 17.78 6.45 -8.67
N PHE B 120 17.08 7.51 -9.05
CA PHE B 120 16.23 8.23 -8.09
C PHE B 120 14.82 7.68 -8.08
N PRO B 121 14.25 7.53 -6.88
CA PRO B 121 12.81 7.23 -6.83
C PRO B 121 12.06 8.53 -7.13
N LEU B 122 10.74 8.43 -7.29
CA LEU B 122 9.88 9.61 -7.46
C LEU B 122 10.28 10.71 -6.51
N GLY B 123 10.43 11.94 -7.00
CA GLY B 123 10.75 13.06 -6.14
C GLY B 123 12.17 13.59 -6.34
N GLY B 124 13.04 12.72 -6.83
CA GLY B 124 14.37 13.13 -7.23
C GLY B 124 15.31 13.36 -6.07
N ILE B 125 15.03 12.73 -4.94
CA ILE B 125 15.91 12.84 -3.77
C ILE B 125 16.27 11.48 -3.18
N LEU B 126 17.54 11.27 -2.89
CA LEU B 126 17.92 10.08 -2.12
C LEU B 126 19.01 10.41 -1.12
N ALA B 127 19.21 9.53 -0.14
CA ALA B 127 20.35 9.64 0.75
C ALA B 127 21.12 8.32 0.79
N HIS B 128 22.44 8.40 0.60
CA HIS B 128 23.32 7.25 0.81
C HIS B 128 23.57 7.20 2.32
N THR B 129 23.18 6.11 2.98
CA THR B 129 23.35 6.03 4.44
C THR B 129 24.77 5.63 4.85
N GLY B 130 25.48 4.97 3.94
CA GLY B 130 26.78 4.38 4.26
C GLY B 130 26.68 3.21 5.24
N SER B 131 27.82 2.63 5.60
CA SER B 131 27.84 1.62 6.65
C SER B 131 27.97 2.33 8.01
N GLY B 132 27.39 1.74 9.05
CA GLY B 132 27.30 2.39 10.34
C GLY B 132 26.52 3.71 10.26
N GLY B 133 25.55 3.75 9.36
CA GLY B 133 24.80 4.97 9.12
C GLY B 133 23.79 5.23 10.21
N SER B 134 23.47 6.51 10.41
CA SER B 134 22.57 6.91 11.48
C SER B 134 21.80 8.17 11.08
N MET B 135 20.51 8.21 11.39
CA MET B 135 19.72 9.42 11.13
C MET B 135 18.57 9.51 12.13
N THR B 136 18.39 10.70 12.70
CA THR B 136 17.26 10.94 13.58
C THR B 136 16.37 12.05 13.04
N LEU B 137 15.08 11.77 12.92
CA LEU B 137 14.10 12.78 12.51
C LEU B 137 13.30 13.24 13.75
N THR B 138 13.29 14.54 13.99
CA THR B 138 12.60 15.12 15.13
C THR B 138 11.57 16.12 14.60
N ALA B 139 10.31 15.99 15.01
CA ALA B 139 9.32 16.95 14.54
C ALA B 139 9.65 18.35 15.03
N SER B 140 9.34 19.34 14.20
CA SER B 140 9.65 20.74 14.51
C SER B 140 8.94 21.24 15.77
N ASP B 141 7.80 20.61 16.11
CA ASP B 141 7.20 20.84 17.42
C ASP B 141 7.58 19.72 18.41
N GLY B 142 6.85 19.60 19.49
CA GLY B 142 7.24 18.71 20.58
C GLY B 142 7.17 17.20 20.34
N ILE B 143 6.32 16.78 19.41
CA ILE B 143 6.03 15.35 19.16
C ILE B 143 5.91 14.37 20.33
N ALA B 144 6.80 13.37 20.27
CA ALA B 144 6.87 12.23 21.19
C ALA B 144 5.88 11.09 20.93
N SER B 145 4.95 11.24 19.98
CA SER B 145 3.90 10.22 19.81
C SER B 145 4.17 9.18 18.71
N LYS B 146 3.51 8.03 18.83
CA LYS B 146 3.64 6.93 17.89
C LYS B 146 3.12 7.32 16.51
N GLN B 147 3.78 6.83 15.46
CA GLN B 147 3.37 7.15 14.08
C GLN B 147 3.40 5.92 13.16
N ARG B 148 2.62 5.97 12.08
CA ARG B 148 2.77 4.99 11.01
C ARG B 148 3.96 5.46 10.17
N VAL B 149 4.92 4.58 9.96
CA VAL B 149 6.12 4.96 9.22
C VAL B 149 6.28 4.09 7.98
N SER B 150 6.56 4.75 6.85
CA SER B 150 6.90 4.08 5.60
C SER B 150 8.14 4.73 5.01
N LEU B 151 9.01 3.95 4.40
CA LEU B 151 10.16 4.56 3.75
C LEU B 151 10.51 3.96 2.40
N PHE B 152 10.77 4.83 1.42
CA PHE B 152 11.36 4.38 0.17
C PHE B 152 12.78 3.95 0.49
N ALA B 153 13.15 2.73 0.10
CA ALA B 153 14.48 2.25 0.40
C ALA B 153 15.00 1.29 -0.65
N LYS B 154 16.31 1.32 -0.86
CA LYS B 154 16.97 0.37 -1.76
C LYS B 154 18.24 -0.14 -1.09
N PRO B 155 18.25 -1.44 -0.75
CA PRO B 155 19.40 -2.07 -0.09
C PRO B 155 20.47 -2.43 -1.10
N LEU B 156 21.70 -2.45 -0.62
CA LEU B 156 22.83 -2.86 -1.44
C LEU B 156 22.70 -4.35 -1.76
N LEU B 157 22.16 -5.10 -0.80
CA LEU B 157 21.99 -6.54 -0.98
C LEU B 157 20.56 -6.92 -0.66
N ALA B 158 20.04 -7.92 -1.37
CA ALA B 158 18.66 -8.35 -1.15
C ALA B 158 18.50 -8.88 0.27
N GLU B 159 17.31 -8.68 0.84
CA GLU B 159 16.99 -9.10 2.20
C GLU B 159 17.86 -8.48 3.30
N GLN B 160 18.65 -7.46 2.94
CA GLN B 160 19.36 -6.64 3.92
C GLN B 160 18.37 -6.09 4.95
N THR B 161 18.87 -5.71 6.13
CA THR B 161 18.02 -5.07 7.13
C THR B 161 18.55 -3.70 7.57
N LEU B 162 17.66 -2.90 8.17
CA LEU B 162 18.02 -1.70 8.91
C LEU B 162 17.22 -1.69 10.20
N THR B 163 17.45 -0.72 11.07
CA THR B 163 16.66 -0.65 12.30
C THR B 163 15.95 0.69 12.39
N VAL B 164 14.70 0.67 12.83
CA VAL B 164 13.98 1.90 13.07
C VAL B 164 13.56 1.94 14.53
N ASN B 165 14.07 2.92 15.28
CA ASN B 165 13.91 2.95 16.74
C ASN B 165 14.27 1.61 17.38
N GLY B 166 15.37 1.03 16.93
CA GLY B 166 15.83 -0.24 17.49
C GLY B 166 15.15 -1.49 16.98
N ASN B 167 14.10 -1.35 16.16
CA ASN B 167 13.40 -2.52 15.60
C ASN B 167 13.94 -2.92 14.22
N THR B 168 14.13 -4.21 14.01
CA THR B 168 14.69 -4.69 12.74
C THR B 168 13.68 -4.65 11.60
N VAL B 169 14.04 -3.94 10.53
CA VAL B 169 13.13 -3.80 9.39
C VAL B 169 13.87 -4.38 8.19
N SER B 170 13.19 -5.20 7.42
CA SER B 170 13.85 -6.01 6.40
C SER B 170 13.32 -5.73 5.00
N ALA B 171 14.19 -5.88 4.01
CA ALA B 171 13.83 -5.70 2.63
C ALA B 171 13.22 -7.00 2.13
N ASN B 172 12.52 -6.92 1.01
CA ASN B 172 12.06 -8.10 0.30
C ASN B 172 12.52 -8.06 -1.15
N GLY B 173 13.47 -8.90 -1.50
CA GLY B 173 14.08 -8.81 -2.81
C GLY B 173 14.95 -7.56 -2.83
N GLY B 174 15.37 -7.14 -4.02
CA GLY B 174 16.24 -6.00 -4.12
C GLY B 174 15.57 -4.85 -4.84
N GLY B 175 16.31 -3.78 -5.08
CA GLY B 175 15.76 -2.63 -5.78
C GLY B 175 14.93 -1.74 -4.87
N TRP B 176 14.43 -0.65 -5.43
CA TRP B 176 13.61 0.30 -4.68
C TRP B 176 12.31 -0.35 -4.26
N GLN B 177 11.88 -0.04 -3.05
CA GLN B 177 10.68 -0.62 -2.47
C GLN B 177 10.27 0.30 -1.32
N VAL B 178 9.13 0.04 -0.71
CA VAL B 178 8.70 0.82 0.46
C VAL B 178 8.61 -0.10 1.68
N LEU B 179 9.27 0.27 2.76
CA LEU B 179 9.23 -0.49 4.00
C LEU B 179 8.26 0.19 4.96
N ASP B 180 7.45 -0.60 5.64
CA ASP B 180 6.48 -0.08 6.62
C ASP B 180 6.80 -0.55 8.05
N THR B 181 6.78 0.39 8.99
CA THR B 181 6.93 0.01 10.38
C THR B 181 6.12 0.95 11.27
N GLY B 182 5.95 0.59 12.53
CA GLY B 182 5.30 1.45 13.49
C GLY B 182 6.33 1.98 14.44
N ALA B 183 6.39 3.30 14.61
CA ALA B 183 7.39 3.87 15.51
C ALA B 183 6.99 5.25 15.97
N ALA B 184 7.62 5.74 17.04
CA ALA B 184 7.31 7.06 17.58
C ALA B 184 8.41 8.06 17.26
N LEU B 185 8.05 9.33 17.13
CA LEU B 185 9.05 10.39 16.98
C LEU B 185 9.64 10.72 18.35
N PRO B 186 10.95 11.05 18.41
CA PRO B 186 11.89 11.16 17.29
C PRO B 186 12.16 9.80 16.68
N LEU B 187 12.42 9.80 15.37
CA LEU B 187 12.59 8.57 14.61
C LEU B 187 14.07 8.36 14.37
N THR B 188 14.60 7.24 14.83
CA THR B 188 16.03 7.00 14.67
C THR B 188 16.25 5.82 13.74
N ILE B 189 16.96 6.06 12.64
CA ILE B 189 17.20 4.98 11.68
C ILE B 189 18.69 4.64 11.62
N HIS B 190 19.00 3.37 11.80
CA HIS B 190 20.38 2.87 11.78
C HIS B 190 20.58 1.89 10.64
N THR B 191 21.70 1.99 9.92
CA THR B 191 22.00 1.06 8.86
C THR B 191 23.41 0.47 9.01
N GLU B 192 23.50 -0.83 9.27
CA GLU B 192 24.79 -1.49 9.45
C GLU B 192 25.59 -1.47 8.16
N MET B 193 24.93 -1.82 7.06
CA MET B 193 25.53 -1.74 5.74
C MET B 193 24.77 -0.73 4.84
N PRO B 194 25.36 -0.28 3.72
CA PRO B 194 24.78 0.84 2.95
C PRO B 194 23.38 0.59 2.36
N TRP B 195 22.51 1.58 2.50
CA TRP B 195 21.23 1.65 1.81
C TRP B 195 21.13 2.99 1.07
N ASP B 196 20.27 3.06 0.05
CA ASP B 196 19.81 4.37 -0.39
C ASP B 196 18.40 4.56 0.17
N ILE B 197 18.12 5.75 0.70
CA ILE B 197 16.81 6.03 1.27
C ILE B 197 16.15 7.19 0.54
N GLY B 198 14.87 7.03 0.20
CA GLY B 198 14.10 8.07 -0.45
C GLY B 198 13.26 8.82 0.58
N PHE B 199 12.07 9.24 0.17
CA PHE B 199 11.17 9.93 1.08
C PHE B 199 10.67 8.99 2.16
N ILE B 200 10.42 9.56 3.34
CA ILE B 200 9.94 8.82 4.50
C ILE B 200 8.58 9.36 4.91
N ASN B 201 7.57 8.49 4.95
CA ASN B 201 6.22 8.89 5.31
C ASN B 201 6.03 8.73 6.81
N ILE B 202 5.54 9.78 7.47
CA ILE B 202 5.29 9.77 8.91
C ILE B 202 3.86 10.23 9.17
N GLU B 203 2.98 9.30 9.56
CA GLU B 203 1.55 9.58 9.63
C GLU B 203 0.96 9.35 11.00
N ASN B 204 0.12 10.29 11.45
CA ASN B 204 -0.65 10.12 12.68
C ASN B 204 -1.61 8.96 12.49
N PRO B 205 -1.55 7.95 13.38
CA PRO B 205 -2.46 6.81 13.26
C PRO B 205 -3.92 7.21 13.46
N ALA B 206 -4.17 8.37 14.04
CA ALA B 206 -5.54 8.86 14.23
C ALA B 206 -6.16 9.43 12.93
N GLY B 207 -5.35 9.69 11.92
CA GLY B 207 -5.90 10.17 10.66
C GLY B 207 -5.89 11.68 10.54
N GLY B 208 -6.54 12.18 9.49
CA GLY B 208 -6.48 13.59 9.16
C GLY B 208 -5.90 13.82 7.77
N ILE B 209 -5.34 15.01 7.58
CA ILE B 209 -4.75 15.44 6.31
C ILE B 209 -3.24 15.47 6.41
N THR B 210 -2.54 14.96 5.40
CA THR B 210 -1.11 15.25 5.25
C THR B 210 -0.85 16.06 3.99
N VAL B 211 0.13 16.96 4.05
CA VAL B 211 0.58 17.64 2.85
C VAL B 211 2.06 17.40 2.72
N SER B 212 2.45 16.71 1.66
CA SER B 212 3.85 16.34 1.42
C SER B 212 4.40 17.15 0.26
N ALA B 213 5.63 17.61 0.42
CA ALA B 213 6.25 18.48 -0.56
C ALA B 213 7.43 17.78 -1.22
N MET B 214 7.31 17.50 -2.52
CA MET B 214 8.43 16.96 -3.27
C MET B 214 8.94 17.99 -4.27
N GLY B 215 9.70 18.97 -3.79
CA GLY B 215 10.23 19.98 -4.69
C GLY B 215 11.69 19.78 -5.05
N ILE B 216 12.09 20.31 -6.19
CA ILE B 216 13.49 20.37 -6.57
C ILE B 216 13.76 21.78 -7.11
N ASN B 217 14.70 22.50 -6.50
CA ASN B 217 15.09 23.82 -7.00
C ASN B 217 15.42 23.78 -8.48
N GLY B 218 14.84 24.71 -9.23
CA GLY B 218 15.15 24.84 -10.65
C GLY B 218 14.43 23.89 -11.60
N ALA B 219 13.63 22.97 -11.06
CA ALA B 219 13.16 21.85 -11.88
C ALA B 219 11.98 22.18 -12.78
N GLN B 220 11.83 21.38 -13.84
CA GLN B 220 10.74 21.44 -14.80
C GLN B 220 10.04 20.08 -14.82
N LEU B 221 8.75 20.06 -15.15
CA LEU B 221 7.97 18.82 -15.10
C LEU B 221 8.56 17.71 -15.96
N THR B 222 9.04 18.08 -17.14
CA THR B 222 9.64 17.10 -18.04
C THR B 222 10.87 16.45 -17.46
N GLN B 223 11.45 17.05 -16.41
CA GLN B 223 12.64 16.48 -15.81
C GLN B 223 12.36 15.30 -14.88
N TRP B 224 11.12 14.83 -14.86
CA TRP B 224 10.84 13.53 -14.22
C TRP B 224 11.63 12.45 -14.94
N SER B 225 12.06 12.70 -16.17
CA SER B 225 12.83 11.72 -16.94
C SER B 225 14.22 11.47 -16.34
N LYS B 226 14.68 12.38 -15.48
CA LYS B 226 15.91 12.15 -14.68
C LYS B 226 15.76 11.06 -13.61
N TRP B 227 14.52 10.70 -13.30
CA TRP B 227 14.25 9.75 -12.22
C TRP B 227 14.08 8.37 -12.84
N ARG B 228 14.00 7.34 -12.00
CA ARG B 228 14.02 5.97 -12.50
C ARG B 228 12.83 5.62 -13.42
N ALA B 229 13.03 4.63 -14.29
CA ALA B 229 11.99 4.22 -15.23
C ALA B 229 10.69 3.81 -14.54
N ASP B 230 10.78 3.18 -13.38
CA ASP B 230 9.59 2.74 -12.65
C ASP B 230 9.08 3.78 -11.66
N ARG B 231 9.42 5.04 -11.88
CA ARG B 231 8.95 6.12 -11.01
C ARG B 231 7.42 6.15 -10.80
N MET B 232 6.64 5.68 -11.77
CA MET B 232 5.17 5.72 -11.62
C MET B 232 4.68 4.68 -10.62
N ASN B 233 5.45 3.61 -10.45
CA ASN B 233 5.22 2.63 -9.40
C ASN B 233 5.47 3.27 -8.04
N ASP B 234 6.42 4.20 -7.98
CA ASP B 234 6.68 4.91 -6.71
C ASP B 234 5.49 5.79 -6.39
N LEU B 235 4.97 6.48 -7.40
CA LEU B 235 3.83 7.39 -7.19
C LEU B 235 2.63 6.60 -6.64
N ALA B 236 2.40 5.42 -7.19
CA ALA B 236 1.30 4.56 -6.75
C ALA B 236 1.40 4.27 -5.26
N GLN B 237 2.62 4.12 -4.78
CA GLN B 237 2.86 3.74 -3.39
C GLN B 237 2.87 4.92 -2.43
N THR B 238 2.79 6.14 -2.94
CA THR B 238 2.73 7.31 -2.06
C THR B 238 1.36 7.36 -1.38
N GLY B 239 0.39 6.70 -1.99
CA GLY B 239 -0.99 6.75 -1.52
C GLY B 239 -1.63 8.12 -1.70
N ALA B 240 -1.09 8.93 -2.61
CA ALA B 240 -1.63 10.28 -2.82
C ALA B 240 -3.10 10.23 -3.25
N ASP B 241 -3.92 11.09 -2.63
CA ASP B 241 -5.33 11.25 -2.98
C ASP B 241 -5.55 12.47 -3.86
N LEU B 242 -4.66 13.46 -3.72
CA LEU B 242 -4.66 14.63 -4.56
C LEU B 242 -3.21 14.94 -4.93
N VAL B 243 -2.89 14.88 -6.22
CA VAL B 243 -1.54 15.18 -6.71
C VAL B 243 -1.57 16.60 -7.21
N ILE B 244 -0.71 17.45 -6.63
CA ILE B 244 -0.56 18.81 -7.10
C ILE B 244 0.75 18.96 -7.86
N LEU B 245 0.68 19.52 -9.06
CA LEU B 245 1.88 19.73 -9.86
C LEU B 245 2.16 21.22 -9.93
N SER B 246 3.29 21.65 -9.37
CA SER B 246 3.60 23.07 -9.34
C SER B 246 4.90 23.40 -10.08
N TYR B 247 4.79 23.61 -11.39
CA TYR B 247 5.93 23.98 -12.21
C TYR B 247 5.55 25.19 -13.08
N GLY B 248 6.43 25.52 -14.03
CA GLY B 248 6.15 26.61 -14.97
C GLY B 248 7.15 27.75 -14.93
N THR B 249 7.67 28.05 -13.74
CA THR B 249 8.56 29.19 -13.53
C THR B 249 9.85 28.95 -14.30
N ASN B 250 10.44 27.79 -14.12
CA ASN B 250 11.68 27.45 -14.83
C ASN B 250 11.51 27.22 -16.33
N GLU B 251 10.42 26.56 -16.72
CA GLU B 251 10.13 26.42 -18.14
C GLU B 251 10.11 27.80 -18.81
N ALA B 252 9.55 28.77 -18.09
CA ALA B 252 9.33 30.11 -18.62
C ALA B 252 10.62 30.89 -18.89
N PHE B 253 11.71 30.50 -18.21
CA PHE B 253 12.98 31.20 -18.41
C PHE B 253 13.80 30.60 -19.54
N ASN B 254 13.32 29.50 -20.11
CA ASN B 254 13.95 28.91 -21.30
C ASN B 254 13.42 29.58 -22.55
N ASN B 255 14.15 30.58 -23.03
CA ASN B 255 13.72 31.38 -24.17
C ASN B 255 13.39 30.53 -25.41
N ASN B 256 13.99 29.34 -25.49
CA ASN B 256 13.84 28.50 -26.69
C ASN B 256 13.01 27.24 -26.45
N ILE B 257 12.13 27.29 -25.46
CA ILE B 257 11.24 26.18 -25.19
C ILE B 257 10.29 25.91 -26.37
N ASP B 258 10.17 24.64 -26.71
CA ASP B 258 9.21 24.18 -27.71
C ASP B 258 7.90 23.87 -27.00
N ILE B 259 6.96 24.81 -27.05
CA ILE B 259 5.68 24.67 -26.34
C ILE B 259 4.87 23.44 -26.75
N ALA B 260 4.77 23.18 -28.05
CA ALA B 260 4.00 22.04 -28.53
C ALA B 260 4.56 20.69 -28.05
N ASP B 261 5.88 20.54 -28.10
CA ASP B 261 6.52 19.33 -27.61
C ASP B 261 6.35 19.22 -26.08
N THR B 262 6.49 20.35 -25.39
CA THR B 262 6.34 20.38 -23.93
C THR B 262 4.89 20.06 -23.56
N GLU B 263 3.96 20.55 -24.38
CA GLU B 263 2.55 20.34 -24.08
C GLU B 263 2.19 18.86 -24.17
N GLN B 264 2.74 18.17 -25.17
CA GLN B 264 2.49 16.73 -25.31
C GLN B 264 3.06 15.92 -24.12
N LYS B 265 4.27 16.27 -23.69
CA LYS B 265 4.90 15.65 -22.53
C LYS B 265 4.06 15.84 -21.26
N TRP B 266 3.55 17.05 -21.06
CA TRP B 266 2.69 17.32 -19.89
C TRP B 266 1.43 16.46 -19.92
N LEU B 267 0.84 16.29 -21.11
CA LEU B 267 -0.37 15.49 -21.25
C LEU B 267 -0.05 14.02 -20.95
N ASP B 268 1.06 13.54 -21.52
CA ASP B 268 1.53 12.19 -21.26
CA ASP B 268 1.51 12.17 -21.26
C ASP B 268 1.73 11.96 -19.77
N THR B 269 2.30 12.96 -19.08
CA THR B 269 2.53 12.87 -17.63
C THR B 269 1.22 12.76 -16.87
N VAL B 270 0.23 13.57 -17.24
CA VAL B 270 -1.08 13.49 -16.58
C VAL B 270 -1.69 12.12 -16.79
N ARG B 271 -1.58 11.57 -18.01
CA ARG B 271 -2.12 10.23 -18.28
C ARG B 271 -1.44 9.19 -17.40
N GLN B 272 -0.13 9.33 -17.22
CA GLN B 272 0.60 8.36 -16.42
C GLN B 272 0.19 8.42 -14.96
N ILE B 273 -0.04 9.64 -14.47
CA ILE B 273 -0.52 9.83 -13.09
C ILE B 273 -1.87 9.17 -12.87
N ARG B 274 -2.77 9.34 -13.82
CA ARG B 274 -4.10 8.73 -13.72
C ARG B 274 -4.04 7.21 -13.72
N ASP B 275 -3.14 6.63 -14.51
CA ASP B 275 -2.96 5.18 -14.54
C ASP B 275 -2.33 4.66 -13.24
N SER B 276 -1.46 5.47 -12.65
CA SER B 276 -0.73 5.05 -11.45
C SER B 276 -1.59 5.23 -10.20
N LEU B 277 -2.40 6.28 -10.18
CA LEU B 277 -3.31 6.56 -9.07
C LEU B 277 -4.70 6.93 -9.60
N PRO B 278 -5.47 5.92 -10.02
CA PRO B 278 -6.78 6.09 -10.67
C PRO B 278 -7.81 6.82 -9.80
N ALA B 279 -7.55 6.87 -8.49
CA ALA B 279 -8.50 7.45 -7.55
C ALA B 279 -8.03 8.78 -7.00
N ALA B 280 -6.96 9.32 -7.58
CA ALA B 280 -6.46 10.63 -7.16
C ALA B 280 -6.99 11.76 -8.02
N GLY B 281 -7.28 12.90 -7.40
CA GLY B 281 -7.51 14.11 -8.15
C GLY B 281 -6.16 14.67 -8.58
N ILE B 282 -6.17 15.48 -9.63
CA ILE B 282 -4.97 16.17 -10.10
C ILE B 282 -5.23 17.67 -10.14
N LEU B 283 -4.31 18.44 -9.57
CA LEU B 283 -4.37 19.89 -9.60
C LEU B 283 -3.08 20.46 -10.20
N ILE B 284 -3.23 21.25 -11.24
CA ILE B 284 -2.10 21.91 -11.86
C ILE B 284 -2.08 23.37 -11.41
N ILE B 285 -1.00 23.77 -10.77
CA ILE B 285 -0.83 25.16 -10.37
C ILE B 285 -0.13 25.93 -11.47
N GLY B 286 -0.84 26.90 -12.05
CA GLY B 286 -0.28 27.75 -13.08
C GLY B 286 0.85 28.58 -12.52
N ALA B 287 1.90 28.79 -13.32
CA ALA B 287 3.07 29.50 -12.83
C ALA B 287 2.68 30.92 -12.39
N PRO B 288 3.30 31.43 -11.32
CA PRO B 288 3.07 32.83 -10.90
C PRO B 288 3.72 33.77 -11.87
N GLU B 289 3.41 35.06 -11.79
CA GLU B 289 4.19 36.02 -12.54
C GLU B 289 5.63 36.00 -12.02
N SER B 290 6.58 36.05 -12.94
CA SER B 290 7.99 36.30 -12.63
C SER B 290 8.43 37.47 -13.51
N LEU B 291 9.56 38.07 -13.16
CA LEU B 291 10.14 39.15 -13.96
C LEU B 291 11.60 38.82 -14.26
N LYS B 292 12.05 39.10 -15.48
CA LYS B 292 13.48 38.91 -15.78
C LYS B 292 14.30 40.15 -15.40
N ASN B 293 13.69 41.33 -15.50
CA ASN B 293 14.26 42.50 -14.87
C ASN B 293 13.19 43.23 -14.04
N THR B 294 13.62 43.74 -12.89
CA THR B 294 12.69 44.24 -11.87
C THR B 294 12.30 45.70 -12.08
N LEU B 295 12.78 46.30 -13.16
CA LEU B 295 12.36 47.63 -13.57
C LEU B 295 11.38 47.45 -14.73
N GLY B 296 10.32 48.24 -14.81
CA GLY B 296 9.96 49.26 -13.83
C GLY B 296 8.56 49.73 -14.14
N VAL B 297 7.77 49.97 -13.09
CA VAL B 297 6.30 50.07 -13.12
C VAL B 297 5.67 48.67 -13.14
N CYS B 298 5.87 47.94 -14.22
CA CYS B 298 5.39 46.56 -14.32
C CYS B 298 6.53 45.54 -14.29
N GLY B 299 7.74 46.00 -14.57
CA GLY B 299 8.86 45.10 -14.77
C GLY B 299 8.72 44.44 -16.13
N THR B 300 9.64 43.54 -16.46
CA THR B 300 9.57 42.81 -17.72
C THR B 300 9.45 41.31 -17.48
N ARG B 301 8.40 40.72 -18.04
CA ARG B 301 8.15 39.29 -17.92
C ARG B 301 9.14 38.54 -18.82
N PRO B 302 9.49 37.30 -18.44
CA PRO B 302 10.23 36.47 -19.38
C PRO B 302 9.42 36.31 -20.65
N VAL B 303 10.10 36.30 -21.79
CA VAL B 303 9.46 36.32 -23.10
C VAL B 303 8.53 35.12 -23.32
N ARG B 304 8.82 33.98 -22.70
CA ARG B 304 8.00 32.79 -22.89
C ARG B 304 6.97 32.53 -21.79
N LEU B 305 6.92 33.38 -20.76
CA LEU B 305 6.08 33.09 -19.59
C LEU B 305 4.60 32.92 -19.91
N THR B 306 4.02 33.90 -20.60
CA THR B 306 2.60 33.84 -20.95
C THR B 306 2.26 32.53 -21.67
N GLU B 307 3.10 32.14 -22.63
CA GLU B 307 2.89 30.91 -23.40
C GLU B 307 2.92 29.70 -22.50
N VAL B 308 3.86 29.66 -21.56
CA VAL B 308 3.94 28.54 -20.62
C VAL B 308 2.67 28.47 -19.78
N GLN B 309 2.21 29.63 -19.31
CA GLN B 309 1.01 29.72 -18.48
C GLN B 309 -0.24 29.28 -19.23
N GLN B 310 -0.37 29.72 -20.48
CA GLN B 310 -1.52 29.31 -21.28
C GLN B 310 -1.47 27.82 -21.57
N MET B 311 -0.26 27.32 -21.81
CA MET B 311 -0.04 25.90 -22.04
C MET B 311 -0.52 25.04 -20.88
N GLN B 312 -0.20 25.47 -19.65
CA GLN B 312 -0.56 24.70 -18.46
C GLN B 312 -2.07 24.59 -18.33
N ARG B 313 -2.79 25.68 -18.63
CA ARG B 313 -4.24 25.63 -18.55
C ARG B 313 -4.83 24.71 -19.63
N ARG B 314 -4.30 24.76 -20.85
CA ARG B 314 -4.75 23.82 -21.89
C ARG B 314 -4.54 22.37 -21.47
N VAL B 315 -3.41 22.10 -20.81
CA VAL B 315 -3.14 20.75 -20.36
C VAL B 315 -4.16 20.34 -19.31
N ALA B 316 -4.45 21.25 -18.37
CA ALA B 316 -5.46 20.96 -17.36
C ALA B 316 -6.80 20.62 -18.00
N ARG B 317 -7.17 21.34 -19.07
CA ARG B 317 -8.47 21.09 -19.66
C ARG B 317 -8.47 19.79 -20.41
N GLN B 318 -7.45 19.58 -21.23
CA GLN B 318 -7.38 18.38 -22.06
C GLN B 318 -7.29 17.11 -21.20
N GLY B 319 -6.57 17.19 -20.09
CA GLY B 319 -6.43 16.06 -19.19
C GLY B 319 -7.50 16.01 -18.12
N GLN B 320 -8.47 16.91 -18.21
CA GLN B 320 -9.63 16.96 -17.31
C GLN B 320 -9.24 17.07 -15.85
N THR B 321 -8.33 18.00 -15.60
CA THR B 321 -7.65 18.20 -14.35
C THR B 321 -8.25 19.44 -13.66
N MET B 322 -7.96 19.69 -12.38
CA MET B 322 -8.17 21.04 -11.86
C MET B 322 -6.99 22.00 -12.16
N PHE B 323 -7.29 23.29 -12.30
CA PHE B 323 -6.25 24.28 -12.57
C PHE B 323 -6.42 25.43 -11.61
N TRP B 324 -5.32 25.84 -10.96
CA TRP B 324 -5.34 27.01 -10.08
C TRP B 324 -4.36 28.06 -10.60
N SER B 325 -4.88 29.23 -10.94
CA SER B 325 -4.03 30.30 -11.47
C SER B 325 -3.30 31.08 -10.39
N TRP B 326 -2.03 30.75 -10.17
CA TRP B 326 -1.24 31.50 -9.20
C TRP B 326 -1.11 32.96 -9.66
N GLN B 327 -0.94 33.18 -10.96
CA GLN B 327 -0.85 34.57 -11.45
C GLN B 327 -2.11 35.37 -11.16
N ASN B 328 -3.28 34.78 -11.41
CA ASN B 328 -4.51 35.50 -11.07
C ASN B 328 -4.63 35.70 -9.57
N ALA B 329 -4.13 34.74 -8.78
CA ALA B 329 -4.13 34.88 -7.32
C ALA B 329 -3.40 36.12 -6.86
N MET B 330 -2.28 36.44 -7.50
CA MET B 330 -1.47 37.58 -7.12
C MET B 330 -2.10 38.88 -7.59
N GLY B 331 -3.07 38.77 -8.49
CA GLY B 331 -3.78 39.94 -8.98
C GLY B 331 -3.66 40.15 -10.48
N GLY B 332 -3.17 39.12 -11.18
CA GLY B 332 -3.07 39.18 -12.63
C GLY B 332 -1.72 39.63 -13.16
N ILE B 333 -1.72 40.06 -14.41
CA ILE B 333 -0.49 40.53 -15.05
C ILE B 333 -0.01 41.77 -14.30
N CYS B 334 1.30 42.00 -14.29
CA CYS B 334 1.87 43.18 -13.63
C CYS B 334 1.50 43.17 -12.14
N SER B 335 1.72 42.05 -11.47
CA SER B 335 1.40 41.94 -10.05
C SER B 335 2.64 41.62 -9.22
N MET B 336 3.66 41.05 -9.85
CA MET B 336 4.89 40.71 -9.13
C MET B 336 5.56 41.97 -8.57
N LYS B 337 5.49 43.05 -9.33
CA LYS B 337 6.09 44.32 -8.91
C LYS B 337 5.41 44.85 -7.64
N ASN B 338 4.09 44.73 -7.60
CA ASN B 338 3.35 45.01 -6.38
C ASN B 338 3.72 44.07 -5.23
N TRP B 339 3.86 42.78 -5.51
CA TRP B 339 4.21 41.82 -4.46
C TRP B 339 5.62 42.09 -3.90
N LEU B 340 6.51 42.54 -4.77
CA LEU B 340 7.87 42.94 -4.35
C LEU B 340 7.78 44.06 -3.32
N ASN B 341 6.92 45.03 -3.61
CA ASN B 341 6.81 46.23 -2.78
C ASN B 341 6.07 45.97 -1.46
N GLN B 342 5.19 44.98 -1.45
CA GLN B 342 4.47 44.61 -0.24
C GLN B 342 5.26 43.62 0.60
N GLY B 343 6.49 43.34 0.18
CA GLY B 343 7.35 42.39 0.87
C GLY B 343 6.89 40.94 0.75
N TRP B 344 6.05 40.66 -0.25
CA TRP B 344 5.54 39.31 -0.47
C TRP B 344 6.45 38.54 -1.45
N ALA B 345 7.25 39.27 -2.22
CA ALA B 345 8.15 38.64 -3.18
C ALA B 345 9.59 39.04 -2.94
N ALA B 346 10.49 38.10 -3.22
CA ALA B 346 11.92 38.35 -3.07
C ALA B 346 12.41 39.33 -4.13
N LYS B 347 13.54 39.94 -3.84
CA LYS B 347 14.15 40.93 -4.71
C LYS B 347 14.38 40.44 -6.14
N ASP B 348 14.66 39.15 -6.31
CA ASP B 348 14.97 38.62 -7.63
C ASP B 348 13.78 38.63 -8.61
N GLY B 349 12.59 38.95 -8.09
CA GLY B 349 11.38 39.01 -8.90
C GLY B 349 10.94 37.66 -9.43
N VAL B 350 11.44 36.60 -8.80
CA VAL B 350 11.08 35.24 -9.18
C VAL B 350 10.51 34.49 -7.99
N HIS B 351 11.22 34.52 -6.87
CA HIS B 351 10.81 33.77 -5.69
C HIS B 351 10.03 34.65 -4.72
N PHE B 352 9.39 34.03 -3.74
CA PHE B 352 8.56 34.82 -2.85
C PHE B 352 9.19 34.86 -1.47
N SER B 353 8.75 35.81 -0.65
CA SER B 353 9.16 35.80 0.74
C SER B 353 8.32 34.73 1.43
N ALA B 354 8.67 34.43 2.66
CA ALA B 354 7.89 33.51 3.48
C ALA B 354 6.46 34.01 3.62
N LYS B 355 6.28 35.31 3.84
CA LYS B 355 4.94 35.88 3.94
C LYS B 355 4.19 35.76 2.62
N GLY B 356 4.92 35.96 1.53
CA GLY B 356 4.34 35.85 0.20
C GLY B 356 3.88 34.43 -0.15
N TYR B 357 4.65 33.43 0.27
CA TYR B 357 4.24 32.04 0.00
C TYR B 357 3.00 31.74 0.85
N ARG B 358 3.01 32.24 2.08
CA ARG B 358 1.87 32.02 2.99
C ARG B 358 0.61 32.64 2.42
N ARG B 359 0.70 33.89 1.96
CA ARG B 359 -0.43 34.59 1.37
C ARG B 359 -1.02 33.79 0.21
N ALA B 360 -0.15 33.32 -0.68
CA ALA B 360 -0.57 32.56 -1.86
C ALA B 360 -1.23 31.23 -1.47
N ALA B 361 -0.57 30.50 -0.57
CA ALA B 361 -1.04 29.18 -0.17
C ALA B 361 -2.39 29.27 0.53
N GLU B 362 -2.60 30.35 1.27
CA GLU B 362 -3.87 30.52 1.95
C GLU B 362 -5.00 30.76 0.93
N MET B 363 -4.67 31.38 -0.18
CA MET B 363 -5.65 31.56 -1.24
C MET B 363 -5.99 30.24 -1.90
N LEU B 364 -4.98 29.38 -2.05
CA LEU B 364 -5.25 28.06 -2.61
C LEU B 364 -6.14 27.27 -1.65
N ALA B 365 -5.85 27.36 -0.36
CA ALA B 365 -6.65 26.71 0.69
C ALA B 365 -8.12 27.16 0.63
N ASP B 366 -8.32 28.47 0.53
CA ASP B 366 -9.65 29.06 0.36
C ASP B 366 -10.41 28.42 -0.79
N SER B 367 -9.75 28.36 -1.95
CA SER B 367 -10.32 27.75 -3.15
C SER B 367 -10.69 26.29 -2.93
N LEU B 368 -9.77 25.52 -2.38
CA LEU B 368 -10.04 24.10 -2.13
C LEU B 368 -11.19 23.90 -1.15
N GLU B 369 -11.22 24.68 -0.09
CA GLU B 369 -12.23 24.47 0.95
C GLU B 369 -13.63 24.81 0.45
N GLU B 370 -13.72 25.84 -0.38
CA GLU B 370 -14.99 26.22 -0.99
C GLU B 370 -15.42 25.15 -1.99
N LEU B 371 -14.46 24.57 -2.70
CA LEU B 371 -14.77 23.49 -3.63
C LEU B 371 -15.42 22.31 -2.87
N VAL B 372 -14.82 21.91 -1.76
CA VAL B 372 -15.37 20.84 -0.93
C VAL B 372 -16.73 21.22 -0.30
N ARG B 373 -16.80 22.44 0.25
CA ARG B 373 -18.01 22.90 0.91
CA ARG B 373 -18.01 22.90 0.91
C ARG B 373 -19.21 22.92 -0.04
N SER B 374 -18.98 23.36 -1.27
CA SER B 374 -20.06 23.43 -2.23
C SER B 374 -20.40 22.08 -2.89
N ALA B 375 -19.48 21.13 -2.79
CA ALA B 375 -19.71 19.79 -3.36
C ALA B 375 -20.70 18.94 -2.53
C ACT C . 4.19 -10.85 -4.55
O ACT C . 4.48 -9.63 -4.74
OXT ACT C . 4.09 -11.24 -3.36
CH3 ACT C . 3.94 -11.79 -5.69
N1 EPE D . 12.04 -7.42 -8.26
C2 EPE D . 11.35 -8.28 -9.25
C3 EPE D . 9.96 -8.65 -8.76
N4 EPE D . 10.00 -9.09 -7.38
C5 EPE D . 11.29 -9.27 -6.74
C6 EPE D . 12.17 -8.03 -6.91
C7 EPE D . 8.82 -9.74 -6.82
C8 EPE D . 7.58 -8.87 -6.96
O8 EPE D . 6.81 -9.00 -5.79
C9 EPE D . 13.37 -7.10 -8.78
C10 EPE D . 13.51 -5.58 -8.84
S EPE D . 15.17 -5.05 -9.31
O1S EPE D . 16.13 -5.35 -8.25
O2S EPE D . 15.13 -3.62 -9.57
O3S EPE D . 15.57 -5.77 -10.52
N1 EPE E . 16.26 -23.09 -16.49
C2 EPE E . 15.98 -24.36 -15.80
C3 EPE E . 17.16 -24.80 -14.94
N4 EPE E . 18.41 -24.87 -15.72
C5 EPE E . 18.41 -24.29 -17.04
C6 EPE E . 17.61 -22.99 -17.10
C7 EPE E . 19.66 -25.08 -15.00
C8 EPE E . 20.86 -25.50 -15.85
O8 EPE E . 20.51 -26.58 -16.70
C9 EPE E . 15.23 -22.80 -17.51
C10 EPE E . 15.16 -21.30 -17.77
S EPE E . 13.59 -20.83 -18.54
O1S EPE E . 13.04 -21.99 -19.24
O2S EPE E . 12.67 -20.44 -17.47
O3S EPE E . 13.76 -19.74 -19.50
C ACT F . 12.86 27.39 -8.39
O ACT F . 12.40 26.52 -9.31
CH3 ACT F . 13.74 28.36 -9.11
N1 EPE G . -8.62 2.23 3.27
C2 EPE G . -8.15 1.11 2.42
C3 EPE G . -9.34 0.55 1.63
N4 EPE G . -10.53 0.34 2.44
C5 EPE G . -10.85 1.30 3.49
C6 EPE G . -9.59 1.74 4.25
C7 EPE G . -11.62 -0.44 1.87
C8 EPE G . -12.85 -0.48 2.76
O8 EPE G . -14.00 -0.13 2.02
C9 EPE G . -7.49 2.89 3.94
C10 EPE G . -7.62 4.39 3.69
S EPE G . -6.19 5.36 4.23
O1S EPE G . -5.32 4.53 5.07
O2S EPE G . -5.46 5.77 3.02
O3S EPE G . -6.61 6.52 4.99
N1 EPE H . 3.37 37.72 -25.48
C2 EPE H . 4.47 38.19 -26.35
C3 EPE H . 4.03 38.10 -27.80
N4 EPE H . 3.57 36.76 -28.13
C5 EPE H . 2.91 35.92 -27.14
C6 EPE H . 3.15 36.27 -25.67
C7 EPE H . 3.88 36.20 -29.44
C8 EPE H . 3.78 37.20 -30.58
O8 EPE H . 2.58 37.93 -30.53
C9 EPE H . 3.76 37.95 -24.07
C10 EPE H . 3.96 39.43 -23.80
S EPE H . 4.18 39.74 -22.04
O1S EPE H . 2.87 40.15 -21.54
O2S EPE H . 4.59 38.52 -21.36
O3S EPE H . 5.17 40.79 -21.81
#